data_6DB7
#
_entry.id   6DB7
#
_cell.length_a   70.802
_cell.length_b   69.630
_cell.length_c   97.191
_cell.angle_alpha   90.00
_cell.angle_beta   97.47
_cell.angle_gamma   90.00
#
_symmetry.space_group_name_H-M   'P 1 21 1'
#
loop_
_entity.id
_entity.type
_entity.pdbx_description
1 polymer 'Human monoclonal anti-HIV-1 gp120 V3 antibody 1334 Fab heavy chain'
2 polymer 'Human monoclonal anti-HIV-1 gp120 V3 antibody 1334 Fab light chain'
3 polymer 'HIV-1 gp120 V3 peptide from MN strain'
4 non-polymer GLYCEROL
5 water water
#
loop_
_entity_poly.entity_id
_entity_poly.type
_entity_poly.pdbx_seq_one_letter_code
_entity_poly.pdbx_strand_id
1 'polypeptide(L)'
;QVQLVQSGAEVKKPGASVKVSCEASGYTFAKFAIHWVRQAPRQGLEWMGWINGDDGKTEYSQKFQDRVTMTRDTSASTVY
MELSSLRSEDTALYYCARAMYPDTVTGNDNPAPPPFEGDYWGQGTLVTVSSASTKGPSVFPLAPSSKSTSGGTAALGCLV
KDYFPEPVTVSWNSGALTSGVHTFPAVLQSSGLYSLSSVVTVPSSSLGTQTYICNVNHKPSNTKVDKRVEPKSCDKTH
;
H,I
2 'polypeptide(L)'
;SYELTQPPSVSVSPGQTARITCSGDALPKEYAYWYQQKSGQAPVLVIYEDTRRPSGIPERFSGSSSGTMATLTVSGAHVD
DEADYYCYSRDTSANQWVFGGGTKLTVLGQPKAAPSVTLFPPSSEELQANKATLVCLISDFYPGAVTVAWKADSSPVKAG
VETTTPSKQSNNKYAASSYLSLTPEQWKSHRSYSCQVTHEGSTVEKTVAPTECS
;
L,M
3 'polypeptide(L)' YNKRKRIHIGPGRAFYTTKNIIG P,Q
#
loop_
_chem_comp.id
_chem_comp.type
_chem_comp.name
_chem_comp.formula
GOL non-polymer GLYCEROL 'C3 H8 O3'
#
# COMPACT_ATOMS: atom_id res chain seq x y z
N GLN A 1 -32.49 18.32 -4.98
CA GLN A 1 -32.95 17.11 -5.65
C GLN A 1 -31.96 16.69 -6.74
N VAL A 2 -30.93 17.52 -6.94
CA VAL A 2 -29.87 17.17 -7.88
C VAL A 2 -29.02 16.06 -7.28
N GLN A 3 -28.84 14.98 -8.04
CA GLN A 3 -28.09 13.83 -7.55
C GLN A 3 -27.25 13.21 -8.66
N LEU A 4 -26.04 12.82 -8.29
CA LEU A 4 -25.11 12.11 -9.17
C LEU A 4 -24.74 10.81 -8.48
N VAL A 5 -25.21 9.68 -9.03
CA VAL A 5 -25.01 8.37 -8.43
C VAL A 5 -24.06 7.58 -9.30
N GLN A 6 -22.98 7.09 -8.71
CA GLN A 6 -21.94 6.36 -9.43
C GLN A 6 -22.06 4.86 -9.19
N SER A 7 -21.40 4.10 -10.07
CA SER A 7 -21.39 2.65 -9.93
C SER A 7 -20.54 2.24 -8.72
N GLY A 8 -20.70 0.99 -8.32
CA GLY A 8 -20.07 0.51 -7.11
C GLY A 8 -18.57 0.27 -7.28
N ALA A 9 -17.90 0.15 -6.14
CA ALA A 9 -16.47 -0.16 -6.14
C ALA A 9 -16.23 -1.56 -6.68
N GLU A 10 -15.00 -1.79 -7.13
CA GLU A 10 -14.65 -3.09 -7.69
C GLU A 10 -13.13 -3.24 -7.71
N VAL A 11 -12.69 -4.50 -7.72
CA VAL A 11 -11.29 -4.84 -7.89
C VAL A 11 -11.05 -5.15 -9.36
N LYS A 12 -9.88 -4.74 -9.86
CA LYS A 12 -9.49 -5.00 -11.23
C LYS A 12 -8.01 -5.30 -11.29
N LYS A 13 -7.62 -6.13 -12.25
CA LYS A 13 -6.25 -6.60 -12.36
C LYS A 13 -5.37 -5.56 -13.05
N PRO A 14 -4.07 -5.59 -12.76
CA PRO A 14 -3.14 -4.73 -13.52
C PRO A 14 -3.18 -5.06 -15.01
N GLY A 15 -3.34 -4.03 -15.83
CA GLY A 15 -3.46 -4.17 -17.26
C GLY A 15 -4.89 -4.14 -17.77
N ALA A 16 -5.85 -4.46 -16.92
CA ALA A 16 -7.26 -4.47 -17.32
C ALA A 16 -7.78 -3.03 -17.41
N SER A 17 -9.10 -2.89 -17.46
CA SER A 17 -9.73 -1.58 -17.58
C SER A 17 -10.92 -1.48 -16.64
N VAL A 18 -11.26 -0.25 -16.28
CA VAL A 18 -12.45 0.05 -15.51
C VAL A 18 -13.31 1.01 -16.32
N LYS A 19 -14.61 0.94 -16.12
CA LYS A 19 -15.55 1.92 -16.65
C LYS A 19 -16.53 2.28 -15.54
N VAL A 20 -16.36 3.44 -14.96
CA VAL A 20 -17.28 3.95 -13.93
C VAL A 20 -18.41 4.69 -14.63
N SER A 21 -19.62 4.52 -14.09
CA SER A 21 -20.80 5.21 -14.60
C SER A 21 -21.24 6.27 -13.59
N CYS A 22 -21.79 7.36 -14.13
CA CYS A 22 -22.24 8.50 -13.32
C CYS A 22 -23.63 8.89 -13.82
N GLU A 23 -24.66 8.53 -13.07
CA GLU A 23 -26.04 8.75 -13.47
C GLU A 23 -26.57 10.03 -12.82
N ALA A 24 -27.11 10.92 -13.65
CA ALA A 24 -27.60 12.21 -13.19
C ALA A 24 -29.12 12.17 -13.03
N SER A 25 -29.62 13.01 -12.12
CA SER A 25 -31.05 13.09 -11.86
C SER A 25 -31.33 14.38 -11.11
N GLY A 26 -32.41 15.06 -11.51
CA GLY A 26 -32.82 16.31 -10.89
C GLY A 26 -32.54 17.55 -11.70
N TYR A 27 -32.04 17.40 -12.93
CA TYR A 27 -31.75 18.55 -13.77
C TYR A 27 -31.72 18.09 -15.23
N THR A 28 -31.76 19.06 -16.13
CA THR A 28 -31.69 18.77 -17.57
C THR A 28 -30.31 18.25 -17.91
N PHE A 29 -30.23 16.96 -18.29
CA PHE A 29 -28.94 16.31 -18.53
C PHE A 29 -28.18 16.94 -19.69
N ALA A 30 -28.87 17.64 -20.60
CA ALA A 30 -28.20 18.16 -21.78
C ALA A 30 -27.47 19.48 -21.52
N LYS A 31 -27.94 20.27 -20.56
CA LYS A 31 -27.41 21.61 -20.35
C LYS A 31 -26.19 21.64 -19.42
N PHE A 32 -25.62 20.50 -19.07
CA PHE A 32 -24.50 20.45 -18.15
C PHE A 32 -23.45 19.45 -18.60
N ALA A 33 -22.19 19.84 -18.48
CA ALA A 33 -21.07 18.92 -18.61
C ALA A 33 -20.76 18.29 -17.27
N ILE A 34 -20.06 17.15 -17.31
CA ILE A 34 -19.75 16.38 -16.12
C ILE A 34 -18.25 16.16 -16.04
N HIS A 35 -17.65 16.55 -14.91
CA HIS A 35 -16.24 16.35 -14.68
C HIS A 35 -15.95 14.94 -14.18
N TRP A 36 -14.67 14.56 -14.23
CA TRP A 36 -14.17 13.36 -13.57
C TRP A 36 -12.85 13.72 -12.91
N VAL A 37 -12.80 13.60 -11.59
CA VAL A 37 -11.58 13.84 -10.82
C VAL A 37 -11.36 12.63 -9.91
N ARG A 38 -10.10 12.24 -9.75
CA ARG A 38 -9.75 11.11 -8.90
C ARG A 38 -8.82 11.56 -7.78
N GLN A 39 -8.70 10.72 -6.77
CA GLN A 39 -7.83 11.00 -5.64
C GLN A 39 -7.27 9.67 -5.12
N ALA A 40 -5.98 9.46 -5.32
CA ALA A 40 -5.30 8.31 -4.74
C ALA A 40 -5.26 8.47 -3.22
N PRO A 41 -5.07 7.36 -2.49
CA PRO A 41 -4.96 7.46 -1.02
C PRO A 41 -3.91 8.48 -0.60
N ARG A 42 -4.28 9.31 0.38
CA ARG A 42 -3.42 10.32 1.00
C ARG A 42 -2.76 11.27 -0.02
N GLN A 43 -3.33 11.40 -1.20
CA GLN A 43 -2.84 12.33 -2.21
C GLN A 43 -3.90 13.39 -2.50
N GLY A 44 -3.55 14.33 -3.39
CA GLY A 44 -4.43 15.42 -3.70
C GLY A 44 -5.34 15.13 -4.89
N LEU A 45 -6.32 16.02 -5.06
CA LEU A 45 -7.25 15.90 -6.18
C LEU A 45 -6.53 16.14 -7.50
N GLU A 46 -6.93 15.40 -8.53
CA GLU A 46 -6.38 15.58 -9.87
C GLU A 46 -7.50 15.47 -10.89
N TRP A 47 -7.61 16.50 -11.73
CA TRP A 47 -8.64 16.54 -12.75
C TRP A 47 -8.28 15.60 -13.90
N MET A 48 -9.28 14.86 -14.38
CA MET A 48 -9.09 13.92 -15.48
C MET A 48 -9.73 14.37 -16.78
N GLY A 49 -10.90 15.00 -16.72
CA GLY A 49 -11.56 15.45 -17.93
C GLY A 49 -13.02 15.72 -17.67
N TRP A 50 -13.69 16.21 -18.72
CA TRP A 50 -15.12 16.45 -18.65
C TRP A 50 -15.73 16.26 -20.03
N ILE A 51 -17.06 16.14 -20.06
CA ILE A 51 -17.80 15.85 -21.27
C ILE A 51 -19.18 16.45 -21.15
N ASN A 52 -19.64 17.11 -22.22
CA ASN A 52 -20.96 17.71 -22.21
C ASN A 52 -22.05 16.64 -22.29
N GLY A 53 -23.24 16.99 -21.78
CA GLY A 53 -24.35 16.05 -21.78
C GLY A 53 -25.00 15.86 -23.14
N ASP A 54 -24.99 16.88 -23.98
CA ASP A 54 -25.71 16.82 -25.26
C ASP A 54 -24.83 16.21 -26.36
N ASP A 55 -23.82 16.95 -26.80
CA ASP A 55 -23.01 16.53 -27.94
C ASP A 55 -21.98 15.46 -27.59
N GLY A 56 -21.71 15.23 -26.30
CA GLY A 56 -20.73 14.22 -25.93
C GLY A 56 -19.30 14.59 -26.23
N LYS A 57 -19.03 15.87 -26.50
CA LYS A 57 -17.68 16.32 -26.76
C LYS A 57 -16.86 16.26 -25.47
N THR A 58 -15.65 15.71 -25.56
CA THR A 58 -14.83 15.46 -24.39
C THR A 58 -13.55 16.30 -24.45
N GLU A 59 -12.93 16.42 -23.28
CA GLU A 59 -11.68 17.18 -23.13
C GLU A 59 -10.92 16.54 -21.98
N TYR A 60 -9.73 16.01 -22.26
CA TYR A 60 -9.01 15.16 -21.32
C TYR A 60 -7.80 15.87 -20.74
N SER A 61 -7.42 15.45 -19.53
CA SER A 61 -6.22 15.96 -18.89
C SER A 61 -4.98 15.48 -19.63
N GLN A 62 -3.91 16.26 -19.52
CA GLN A 62 -2.65 15.89 -20.17
C GLN A 62 -2.05 14.64 -19.56
N LYS A 63 -2.35 14.37 -18.29
CA LYS A 63 -1.83 13.18 -17.62
C LYS A 63 -2.53 11.90 -18.07
N PHE A 64 -3.81 11.98 -18.42
CA PHE A 64 -4.61 10.81 -18.71
C PHE A 64 -4.99 10.66 -20.18
N GLN A 65 -4.52 11.56 -21.05
CA GLN A 65 -4.99 11.59 -22.43
C GLN A 65 -4.75 10.27 -23.15
N ASP A 66 -3.75 9.51 -22.72
CA ASP A 66 -3.47 8.23 -23.37
C ASP A 66 -4.51 7.17 -23.01
N ARG A 67 -4.89 7.10 -21.75
CA ARG A 67 -5.59 5.93 -21.23
C ARG A 67 -7.07 6.13 -20.94
N VAL A 68 -7.55 7.38 -20.87
CA VAL A 68 -8.93 7.65 -20.49
C VAL A 68 -9.76 7.96 -21.73
N THR A 69 -10.98 7.41 -21.77
CA THR A 69 -12.00 7.78 -22.74
C THR A 69 -13.30 7.99 -21.99
N MET A 70 -14.02 9.06 -22.34
CA MET A 70 -15.26 9.42 -21.67
C MET A 70 -16.41 9.43 -22.68
N THR A 71 -17.52 8.82 -22.29
CA THR A 71 -18.71 8.74 -23.13
C THR A 71 -19.93 9.07 -22.28
N ARG A 72 -21.08 9.18 -22.96
CA ARG A 72 -22.33 9.45 -22.28
C ARG A 72 -23.48 8.80 -23.04
N ASP A 73 -24.53 8.46 -22.32
CA ASP A 73 -25.76 7.92 -22.90
C ASP A 73 -26.80 9.02 -22.87
N THR A 74 -27.21 9.49 -24.05
CA THR A 74 -28.17 10.58 -24.14
C THR A 74 -29.51 10.20 -23.51
N SER A 75 -29.94 8.95 -23.71
CA SER A 75 -31.24 8.53 -23.19
C SER A 75 -31.18 8.18 -21.71
N ALA A 76 -30.08 7.57 -21.26
CA ALA A 76 -29.99 7.09 -19.88
C ALA A 76 -29.52 8.15 -18.91
N SER A 77 -29.15 9.34 -19.38
CA SER A 77 -28.68 10.43 -18.53
C SER A 77 -27.52 9.98 -17.65
N THR A 78 -26.52 9.35 -18.29
CA THR A 78 -25.38 8.80 -17.58
C THR A 78 -24.12 9.02 -18.41
N VAL A 79 -23.07 9.50 -17.76
CA VAL A 79 -21.76 9.65 -18.39
C VAL A 79 -20.86 8.54 -17.87
N TYR A 80 -19.88 8.16 -18.69
CA TYR A 80 -18.99 7.05 -18.40
C TYR A 80 -17.55 7.50 -18.54
N MET A 81 -16.65 6.75 -17.89
CA MET A 81 -15.24 7.07 -17.88
C MET A 81 -14.44 5.79 -17.76
N GLU A 82 -13.58 5.52 -18.73
CA GLU A 82 -12.84 4.28 -18.83
C GLU A 82 -11.34 4.54 -18.80
N LEU A 83 -10.62 3.76 -18.00
CA LEU A 83 -9.17 3.87 -17.90
C LEU A 83 -8.54 2.51 -18.14
N SER A 84 -7.78 2.39 -19.23
CA SER A 84 -7.06 1.17 -19.53
C SER A 84 -5.62 1.26 -19.02
N SER A 85 -4.88 0.16 -19.14
CA SER A 85 -3.48 0.09 -18.70
C SER A 85 -3.38 0.38 -17.20
N LEU A 86 -4.29 -0.20 -16.42
CA LEU A 86 -4.33 0.05 -14.98
C LEU A 86 -3.09 -0.49 -14.30
N ARG A 87 -2.53 0.31 -13.39
CA ARG A 87 -1.45 -0.09 -12.51
C ARG A 87 -1.90 0.13 -11.07
N SER A 88 -1.03 -0.29 -10.13
CA SER A 88 -1.34 -0.11 -8.71
C SER A 88 -1.49 1.36 -8.36
N GLU A 89 -0.76 2.24 -9.05
CA GLU A 89 -0.86 3.67 -8.79
C GLU A 89 -2.17 4.28 -9.26
N ASP A 90 -3.02 3.50 -9.93
CA ASP A 90 -4.36 3.96 -10.30
C ASP A 90 -5.41 3.58 -9.27
N THR A 91 -5.03 2.86 -8.21
CA THR A 91 -5.93 2.63 -7.08
C THR A 91 -6.32 3.96 -6.47
N ALA A 92 -7.56 4.38 -6.66
CA ALA A 92 -7.97 5.70 -6.23
C ALA A 92 -9.48 5.75 -6.09
N LEU A 93 -9.97 6.89 -5.60
CA LEU A 93 -11.39 7.17 -5.48
C LEU A 93 -11.78 8.11 -6.61
N TYR A 94 -12.69 7.66 -7.47
CA TYR A 94 -13.02 8.35 -8.70
C TYR A 94 -14.38 9.05 -8.56
N TYR A 95 -14.35 10.38 -8.62
CA TYR A 95 -15.54 11.21 -8.48
C TYR A 95 -16.02 11.70 -9.84
N CYS A 96 -17.33 11.96 -9.92
CA CYS A 96 -17.91 12.76 -10.99
C CYS A 96 -18.62 13.95 -10.37
N ALA A 97 -18.47 15.11 -11.01
CA ALA A 97 -19.04 16.35 -10.48
C ALA A 97 -19.64 17.13 -11.64
N ARG A 98 -20.85 17.65 -11.42
CA ARG A 98 -21.52 18.43 -12.45
C ARG A 98 -20.84 19.78 -12.61
N ALA A 99 -20.76 20.25 -13.85
CA ALA A 99 -20.14 21.54 -14.13
C ALA A 99 -20.88 22.66 -13.42
N MET A 100 -20.14 23.70 -13.05
CA MET A 100 -20.72 24.80 -12.29
C MET A 100 -21.60 25.70 -13.13
N TYR A 101 -21.47 25.64 -14.46
CA TYR A 101 -22.16 26.58 -15.35
C TYR A 101 -22.96 25.82 -16.39
N PRO A 102 -24.25 26.14 -16.57
CA PRO A 102 -25.03 25.52 -17.63
C PRO A 102 -24.77 26.20 -18.97
N ASP A 103 -25.18 25.51 -20.04
CA ASP A 103 -24.98 26.01 -21.40
C ASP A 103 -26.10 26.99 -21.72
N THR A 104 -25.82 28.28 -21.58
CA THR A 104 -26.74 29.33 -21.98
C THR A 104 -26.38 29.95 -23.32
N VAL A 105 -25.17 29.69 -23.82
CA VAL A 105 -24.67 30.41 -24.98
C VAL A 105 -25.15 29.78 -26.29
N THR A 106 -25.30 28.45 -26.33
CA THR A 106 -25.67 27.79 -27.58
C THR A 106 -27.01 28.29 -28.10
N GLY A 107 -27.95 28.55 -27.20
CA GLY A 107 -29.25 29.04 -27.62
C GLY A 107 -29.18 30.43 -28.23
N ASN A 108 -30.23 30.79 -28.96
CA ASN A 108 -30.32 32.09 -29.61
C ASN A 108 -30.50 33.16 -28.54
N ASP A 109 -29.41 33.83 -28.17
CA ASP A 109 -29.45 34.79 -27.08
C ASP A 109 -28.27 35.74 -27.16
N ASN A 110 -28.55 37.03 -27.19
CA ASN A 110 -27.51 38.03 -27.00
C ASN A 110 -26.97 37.95 -25.57
N PRO A 111 -25.70 38.38 -25.34
CA PRO A 111 -24.95 37.98 -24.13
C PRO A 111 -25.73 37.89 -22.82
N ALA A 112 -25.55 36.77 -22.12
CA ALA A 112 -26.11 36.53 -20.80
C ALA A 112 -25.14 35.69 -20.00
N PRO A 113 -24.53 36.24 -18.95
CA PRO A 113 -23.52 35.48 -18.20
C PRO A 113 -24.14 34.28 -17.51
N PRO A 114 -23.68 33.08 -17.84
CA PRO A 114 -24.25 31.86 -17.23
C PRO A 114 -24.04 31.85 -15.73
N PRO A 115 -25.07 31.54 -14.96
CA PRO A 115 -24.96 31.60 -13.50
C PRO A 115 -24.41 30.34 -12.88
N PHE A 116 -23.76 30.53 -11.74
CA PHE A 116 -23.24 29.42 -10.95
C PHE A 116 -24.39 28.57 -10.44
N GLU A 117 -24.42 27.29 -10.82
CA GLU A 117 -25.55 26.41 -10.55
C GLU A 117 -25.27 25.39 -9.45
N GLY A 118 -24.25 25.62 -8.64
CA GLY A 118 -24.11 24.86 -7.42
C GLY A 118 -22.94 23.87 -7.47
N ASP A 119 -22.58 23.37 -6.30
CA ASP A 119 -21.53 22.37 -6.12
C ASP A 119 -22.19 21.02 -5.94
N TYR A 120 -22.04 20.14 -6.92
CA TYR A 120 -22.69 18.83 -6.90
C TYR A 120 -21.70 17.76 -7.35
N TRP A 121 -21.37 16.85 -6.44
CA TRP A 121 -20.48 15.74 -6.72
C TRP A 121 -21.22 14.42 -6.57
N GLY A 122 -20.70 13.39 -7.23
CA GLY A 122 -21.11 12.03 -6.97
C GLY A 122 -20.52 11.53 -5.66
N GLN A 123 -20.94 10.32 -5.28
CA GLN A 123 -20.43 9.74 -4.04
C GLN A 123 -19.04 9.13 -4.21
N GLY A 124 -18.54 8.99 -5.43
CA GLY A 124 -17.23 8.42 -5.66
C GLY A 124 -17.27 6.91 -5.80
N THR A 125 -16.26 6.39 -6.51
CA THR A 125 -16.14 4.96 -6.75
C THR A 125 -14.70 4.55 -6.51
N LEU A 126 -14.47 3.66 -5.55
CA LEU A 126 -13.13 3.21 -5.23
C LEU A 126 -12.74 2.08 -6.18
N VAL A 127 -11.68 2.28 -6.94
CA VAL A 127 -11.17 1.28 -7.87
C VAL A 127 -9.85 0.77 -7.30
N THR A 128 -9.84 -0.48 -6.86
CA THR A 128 -8.64 -1.12 -6.34
C THR A 128 -8.01 -1.97 -7.43
N VAL A 129 -6.77 -1.67 -7.77
CA VAL A 129 -6.02 -2.41 -8.78
C VAL A 129 -5.13 -3.41 -8.04
N SER A 130 -5.48 -4.70 -8.13
CA SER A 130 -4.76 -5.72 -7.39
C SER A 130 -5.00 -7.08 -8.05
N SER A 131 -4.12 -8.03 -7.72
CA SER A 131 -4.29 -9.40 -8.17
C SER A 131 -5.14 -10.24 -7.23
N ALA A 132 -5.34 -9.79 -5.99
CA ALA A 132 -6.17 -10.51 -5.05
C ALA A 132 -7.63 -10.50 -5.50
N SER A 133 -8.33 -11.59 -5.21
CA SER A 133 -9.71 -11.75 -5.61
C SER A 133 -10.65 -11.15 -4.57
N THR A 134 -11.89 -10.92 -4.99
CA THR A 134 -12.89 -10.32 -4.12
C THR A 134 -13.34 -11.33 -3.06
N LYS A 135 -13.66 -10.82 -1.88
CA LYS A 135 -14.14 -11.67 -0.78
C LYS A 135 -15.14 -10.87 0.05
N GLY A 136 -16.33 -11.45 0.22
CA GLY A 136 -17.37 -10.82 1.00
C GLY A 136 -17.10 -10.89 2.49
N PRO A 137 -17.77 -10.04 3.26
CA PRO A 137 -17.49 -9.96 4.70
C PRO A 137 -18.30 -10.94 5.52
N SER A 138 -17.73 -11.28 6.68
CA SER A 138 -18.43 -12.01 7.72
C SER A 138 -18.82 -11.02 8.82
N VAL A 139 -20.12 -10.92 9.09
CA VAL A 139 -20.65 -9.93 10.01
C VAL A 139 -21.06 -10.62 11.30
N PHE A 140 -20.57 -10.11 12.42
CA PHE A 140 -20.89 -10.65 13.74
C PHE A 140 -21.37 -9.53 14.66
N PRO A 141 -22.35 -9.81 15.51
CA PRO A 141 -22.88 -8.75 16.38
C PRO A 141 -22.00 -8.54 17.61
N LEU A 142 -21.83 -7.27 17.97
CA LEU A 142 -21.14 -6.88 19.19
C LEU A 142 -22.21 -6.50 20.21
N ALA A 143 -22.59 -7.45 21.05
CA ALA A 143 -23.74 -7.28 21.92
C ALA A 143 -23.45 -6.27 23.03
N PRO A 144 -24.47 -5.58 23.52
CA PRO A 144 -24.28 -4.69 24.68
C PRO A 144 -24.20 -5.49 25.97
N SER A 145 -23.45 -4.94 26.92
CA SER A 145 -23.18 -5.64 28.16
C SER A 145 -23.10 -4.66 29.32
N SER A 146 -23.21 -5.20 30.54
CA SER A 146 -23.07 -4.37 31.73
C SER A 146 -21.65 -3.83 31.85
N LYS A 147 -20.65 -4.65 31.53
CA LYS A 147 -19.25 -4.23 31.47
C LYS A 147 -18.95 -3.37 30.25
N SER A 148 -20.01 -3.04 29.49
CA SER A 148 -19.90 -2.19 28.30
C SER A 148 -20.91 -1.06 28.34
N THR A 149 -21.34 -0.63 29.52
CA THR A 149 -22.32 0.42 29.70
C THR A 149 -21.70 1.55 30.51
N SER A 150 -21.93 2.79 30.08
CA SER A 150 -21.40 3.98 30.73
C SER A 150 -22.56 4.81 31.27
N GLY A 151 -23.22 4.28 32.31
CA GLY A 151 -24.34 4.97 32.91
C GLY A 151 -25.61 4.87 32.09
N GLY A 152 -26.10 6.01 31.61
CA GLY A 152 -27.27 6.01 30.76
C GLY A 152 -27.01 5.54 29.34
N THR A 153 -25.75 5.40 28.96
CA THR A 153 -25.36 5.01 27.61
C THR A 153 -24.78 3.61 27.60
N ALA A 154 -25.04 2.89 26.51
CA ALA A 154 -24.50 1.56 26.29
C ALA A 154 -23.94 1.47 24.88
N ALA A 155 -22.92 0.63 24.70
CA ALA A 155 -22.24 0.46 23.44
C ALA A 155 -22.61 -0.89 22.83
N LEU A 156 -22.96 -0.89 21.55
CA LEU A 156 -23.23 -2.11 20.80
C LEU A 156 -22.83 -1.86 19.35
N GLY A 157 -22.61 -2.93 18.61
CA GLY A 157 -22.23 -2.76 17.22
C GLY A 157 -22.12 -4.05 16.45
N CYS A 158 -21.36 -3.98 15.35
CA CYS A 158 -21.17 -5.11 14.46
C CYS A 158 -19.72 -5.18 14.02
N LEU A 159 -19.18 -6.40 13.99
CA LEU A 159 -17.85 -6.66 13.50
C LEU A 159 -17.94 -7.14 12.05
N VAL A 160 -17.27 -6.44 11.14
CA VAL A 160 -17.26 -6.77 9.72
C VAL A 160 -15.88 -7.32 9.42
N LYS A 161 -15.77 -8.64 9.31
CA LYS A 161 -14.49 -9.33 9.32
C LYS A 161 -14.14 -9.90 7.96
N ASP A 162 -12.87 -9.74 7.56
CA ASP A 162 -12.25 -10.45 6.44
C ASP A 162 -13.02 -10.21 5.13
N TYR A 163 -12.83 -9.02 4.59
CA TYR A 163 -13.37 -8.68 3.28
C TYR A 163 -12.28 -8.03 2.42
N PHE A 164 -12.52 -8.06 1.11
CA PHE A 164 -11.61 -7.43 0.15
C PHE A 164 -12.35 -7.27 -1.17
N PRO A 165 -12.23 -6.12 -1.84
CA PRO A 165 -11.48 -4.95 -1.36
C PRO A 165 -12.34 -4.00 -0.55
N GLU A 166 -11.79 -2.82 -0.26
CA GLU A 166 -12.57 -1.75 0.31
C GLU A 166 -13.52 -1.18 -0.75
N PRO A 167 -14.59 -0.49 -0.34
CA PRO A 167 -14.99 -0.22 1.03
C PRO A 167 -16.24 -0.97 1.49
N VAL A 168 -16.50 -0.89 2.78
CA VAL A 168 -17.75 -1.36 3.39
C VAL A 168 -18.43 -0.15 4.02
N THR A 169 -19.68 0.06 3.69
CA THR A 169 -20.50 1.09 4.33
C THR A 169 -21.48 0.41 5.27
N VAL A 170 -21.66 0.99 6.46
CA VAL A 170 -22.53 0.44 7.49
C VAL A 170 -23.58 1.49 7.83
N SER A 171 -24.85 1.09 7.82
CA SER A 171 -25.95 1.88 8.34
C SER A 171 -26.62 1.08 9.46
N TRP A 172 -27.54 1.75 10.16
CA TRP A 172 -28.24 1.13 11.27
C TRP A 172 -29.74 1.38 11.13
N ASN A 173 -30.52 0.32 11.39
CA ASN A 173 -31.97 0.35 11.22
C ASN A 173 -32.35 0.89 9.84
N SER A 174 -31.64 0.39 8.82
CA SER A 174 -31.87 0.76 7.42
C SER A 174 -31.70 2.26 7.19
N GLY A 175 -30.82 2.90 7.96
CA GLY A 175 -30.56 4.31 7.82
C GLY A 175 -31.41 5.22 8.69
N ALA A 176 -32.38 4.67 9.42
CA ALA A 176 -33.22 5.47 10.30
C ALA A 176 -32.50 5.92 11.56
N LEU A 177 -31.48 5.20 11.99
CA LEU A 177 -30.71 5.54 13.19
C LEU A 177 -29.38 6.15 12.74
N THR A 178 -29.18 7.42 13.06
CA THR A 178 -28.01 8.17 12.60
C THR A 178 -27.14 8.69 13.73
N SER A 179 -27.74 9.22 14.79
CA SER A 179 -26.98 9.83 15.88
C SER A 179 -26.38 8.76 16.78
N GLY A 180 -25.16 9.02 17.27
CA GLY A 180 -24.47 8.07 18.11
C GLY A 180 -23.83 6.91 17.38
N VAL A 181 -23.79 6.95 16.05
CA VAL A 181 -23.19 5.90 15.24
C VAL A 181 -21.77 6.29 14.91
N HIS A 182 -20.83 5.37 15.14
CA HIS A 182 -19.42 5.58 14.83
C HIS A 182 -18.89 4.35 14.10
N THR A 183 -18.70 4.49 12.79
CA THR A 183 -18.08 3.44 11.99
C THR A 183 -16.60 3.72 11.88
N PHE A 184 -15.78 2.81 12.40
CA PHE A 184 -14.35 3.00 12.47
C PHE A 184 -13.68 2.65 11.15
N PRO A 185 -12.58 3.32 10.80
CA PRO A 185 -11.83 2.96 9.60
C PRO A 185 -11.32 1.53 9.68
N ALA A 186 -11.25 0.88 8.52
CA ALA A 186 -10.89 -0.52 8.48
C ALA A 186 -9.40 -0.71 8.76
N VAL A 187 -9.06 -1.92 9.19
CA VAL A 187 -7.67 -2.32 9.41
C VAL A 187 -7.27 -3.28 8.29
N LEU A 188 -6.08 -3.08 7.74
CA LEU A 188 -5.51 -3.99 6.75
C LEU A 188 -4.73 -5.05 7.51
N GLN A 189 -5.27 -6.26 7.55
CA GLN A 189 -4.70 -7.32 8.36
C GLN A 189 -3.50 -7.96 7.65
N SER A 190 -2.77 -8.79 8.40
CA SER A 190 -1.58 -9.45 7.85
C SER A 190 -1.95 -10.39 6.71
N SER A 191 -3.15 -10.97 6.76
CA SER A 191 -3.62 -11.84 5.69
C SER A 191 -3.90 -11.10 4.39
N GLY A 192 -3.94 -9.77 4.42
CA GLY A 192 -4.31 -8.98 3.27
C GLY A 192 -5.77 -8.63 3.18
N LEU A 193 -6.58 -9.06 4.15
CA LEU A 193 -8.00 -8.78 4.19
C LEU A 193 -8.30 -7.65 5.17
N TYR A 194 -9.42 -6.97 4.95
CA TYR A 194 -9.82 -5.85 5.79
C TYR A 194 -10.86 -6.29 6.82
N SER A 195 -10.90 -5.54 7.91
CA SER A 195 -11.93 -5.69 8.93
C SER A 195 -12.20 -4.32 9.54
N LEU A 196 -13.46 -4.09 9.90
CA LEU A 196 -13.83 -2.86 10.59
C LEU A 196 -14.97 -3.15 11.55
N SER A 197 -15.28 -2.14 12.37
CA SER A 197 -16.38 -2.21 13.32
C SER A 197 -17.19 -0.93 13.26
N SER A 198 -18.48 -1.05 13.51
CA SER A 198 -19.39 0.08 13.63
C SER A 198 -20.14 -0.07 14.93
N VAL A 199 -20.13 0.97 15.77
CA VAL A 199 -20.78 0.92 17.06
C VAL A 199 -21.76 2.07 17.20
N VAL A 200 -22.80 1.84 17.99
CA VAL A 200 -23.81 2.85 18.31
C VAL A 200 -23.82 3.04 19.82
N THR A 201 -23.72 4.29 20.25
CA THR A 201 -23.93 4.65 21.65
C THR A 201 -25.42 4.88 21.85
N VAL A 202 -26.06 3.98 22.57
CA VAL A 202 -27.52 3.99 22.71
C VAL A 202 -27.85 4.18 24.18
N PRO A 203 -29.04 4.69 24.49
CA PRO A 203 -29.47 4.78 25.89
C PRO A 203 -29.64 3.39 26.48
N SER A 204 -29.01 3.17 27.64
CA SER A 204 -29.04 1.86 28.28
C SER A 204 -30.42 1.47 28.77
N SER A 205 -31.34 2.44 28.90
CA SER A 205 -32.71 2.12 29.30
C SER A 205 -33.47 1.43 28.18
N SER A 206 -33.17 1.75 26.92
CA SER A 206 -33.95 1.27 25.80
C SER A 206 -33.66 -0.17 25.42
N LEU A 207 -32.61 -0.78 26.01
CA LEU A 207 -32.06 -2.01 25.46
C LEU A 207 -33.08 -3.13 25.41
N GLY A 208 -34.08 -3.10 26.28
CA GLY A 208 -35.13 -4.11 26.28
C GLY A 208 -36.29 -3.83 25.34
N THR A 209 -36.27 -2.72 24.62
CA THR A 209 -37.40 -2.33 23.79
C THR A 209 -37.01 -1.74 22.44
N GLN A 210 -35.76 -1.34 22.22
CA GLN A 210 -35.31 -0.83 20.94
C GLN A 210 -34.65 -1.94 20.14
N THR A 211 -34.91 -1.96 18.83
CA THR A 211 -34.30 -2.93 17.92
C THR A 211 -33.12 -2.26 17.22
N TYR A 212 -31.97 -2.95 17.22
CA TYR A 212 -30.76 -2.44 16.60
C TYR A 212 -30.26 -3.45 15.59
N ILE A 213 -30.22 -3.04 14.32
CA ILE A 213 -29.81 -3.89 13.21
C ILE A 213 -28.80 -3.11 12.40
N CYS A 214 -27.61 -3.67 12.21
CA CYS A 214 -26.60 -3.07 11.34
C CYS A 214 -26.78 -3.58 9.92
N ASN A 215 -26.63 -2.67 8.96
CA ASN A 215 -26.80 -2.98 7.54
C ASN A 215 -25.45 -2.79 6.86
N VAL A 216 -24.80 -3.89 6.50
CA VAL A 216 -23.47 -3.88 5.91
C VAL A 216 -23.59 -3.99 4.40
N ASN A 217 -22.88 -3.11 3.68
CA ASN A 217 -22.93 -3.05 2.22
C ASN A 217 -21.51 -3.18 1.69
N HIS A 218 -21.24 -4.28 1.00
CA HIS A 218 -19.95 -4.53 0.34
C HIS A 218 -20.22 -4.66 -1.15
N LYS A 219 -20.28 -3.52 -1.84
CA LYS A 219 -20.57 -3.53 -3.27
C LYS A 219 -19.60 -4.34 -4.12
N PRO A 220 -18.28 -4.35 -3.86
CA PRO A 220 -17.39 -5.15 -4.72
C PRO A 220 -17.78 -6.62 -4.81
N SER A 221 -18.36 -7.20 -3.77
CA SER A 221 -18.81 -8.58 -3.80
C SER A 221 -20.33 -8.69 -4.00
N ASN A 222 -21.00 -7.57 -4.27
CA ASN A 222 -22.45 -7.54 -4.46
C ASN A 222 -23.17 -8.21 -3.29
N THR A 223 -22.70 -7.92 -2.07
CA THR A 223 -23.20 -8.54 -0.86
C THR A 223 -23.74 -7.48 0.08
N LYS A 224 -24.92 -7.73 0.63
CA LYS A 224 -25.47 -6.94 1.72
C LYS A 224 -25.83 -7.88 2.86
N VAL A 225 -25.45 -7.49 4.09
CA VAL A 225 -25.69 -8.30 5.27
C VAL A 225 -26.34 -7.42 6.34
N ASP A 226 -27.44 -7.90 6.91
CA ASP A 226 -28.06 -7.30 8.07
C ASP A 226 -27.93 -8.24 9.25
N LYS A 227 -27.69 -7.68 10.43
CA LYS A 227 -27.48 -8.48 11.64
C LYS A 227 -28.16 -7.81 12.81
N ARG A 228 -29.09 -8.51 13.43
CA ARG A 228 -29.80 -8.00 14.60
C ARG A 228 -28.93 -8.17 15.83
N VAL A 229 -28.66 -7.07 16.52
CA VAL A 229 -27.81 -7.07 17.72
C VAL A 229 -28.70 -6.99 18.94
N GLU A 230 -28.64 -8.01 19.78
CA GLU A 230 -29.49 -8.13 20.96
C GLU A 230 -28.65 -8.38 22.19
N PRO A 231 -29.17 -8.06 23.38
CA PRO A 231 -28.45 -8.40 24.61
C PRO A 231 -28.34 -9.91 24.79
N LYS A 232 -27.24 -10.33 25.40
CA LYS A 232 -26.92 -11.75 25.55
C LYS A 232 -27.48 -12.29 26.87
N SER A 233 -27.45 -13.61 27.00
CA SER A 233 -27.82 -14.25 28.27
C SER A 233 -26.75 -14.02 29.34
N CYS A 234 -25.48 -13.99 28.94
CA CYS A 234 -24.37 -13.76 29.85
C CYS A 234 -24.36 -14.76 31.00
CA SER B 1 3.72 24.44 -18.81
C SER B 1 2.86 25.44 -18.05
N TYR B 2 2.03 24.94 -17.15
CA TYR B 2 1.23 25.80 -16.28
C TYR B 2 0.88 25.01 -15.03
N GLU B 3 0.79 25.71 -13.90
CA GLU B 3 0.57 25.04 -12.63
C GLU B 3 0.01 26.03 -11.62
N LEU B 4 -0.71 25.48 -10.63
CA LEU B 4 -1.16 26.22 -9.46
C LEU B 4 -0.45 25.66 -8.24
N THR B 5 0.24 26.52 -7.49
CA THR B 5 1.01 26.10 -6.34
C THR B 5 0.48 26.77 -5.07
N GLN B 6 0.36 25.97 -4.01
CA GLN B 6 -0.06 26.43 -2.69
C GLN B 6 0.84 25.75 -1.66
N PRO B 7 1.01 26.38 -0.50
CA PRO B 7 1.88 25.78 0.51
C PRO B 7 1.35 24.45 0.98
N PRO B 8 2.21 23.57 1.49
CA PRO B 8 1.73 22.27 1.97
C PRO B 8 0.96 22.38 3.28
N SER B 9 1.41 23.23 4.21
CA SER B 9 0.79 23.34 5.51
C SER B 9 0.71 24.80 5.93
N VAL B 10 -0.35 25.12 6.67
CA VAL B 10 -0.53 26.43 7.28
C VAL B 10 -1.08 26.22 8.69
N SER B 11 -0.42 26.80 9.68
CA SER B 11 -0.83 26.68 11.08
C SER B 11 -1.43 28.01 11.55
N VAL B 12 -2.50 27.92 12.33
CA VAL B 12 -3.19 29.09 12.84
C VAL B 12 -3.73 28.78 14.23
N SER B 13 -3.76 29.79 15.08
CA SER B 13 -4.34 29.65 16.41
C SER B 13 -5.85 29.83 16.35
N PRO B 14 -6.58 29.28 17.31
CA PRO B 14 -8.04 29.44 17.31
C PRO B 14 -8.42 30.90 17.56
N GLY B 15 -9.16 31.49 16.62
CA GLY B 15 -9.68 32.83 16.77
C GLY B 15 -9.07 33.85 15.81
N GLN B 16 -7.89 33.59 15.28
CA GLN B 16 -7.23 34.51 14.37
C GLN B 16 -7.49 34.08 12.92
N THR B 17 -6.85 34.75 11.97
CA THR B 17 -7.12 34.56 10.56
C THR B 17 -6.06 33.67 9.92
N ALA B 18 -6.50 32.72 9.12
CA ALA B 18 -5.64 31.87 8.33
C ALA B 18 -5.77 32.26 6.86
N ARG B 19 -4.65 32.18 6.13
CA ARG B 19 -4.61 32.64 4.74
C ARG B 19 -3.92 31.57 3.89
N ILE B 20 -4.64 31.06 2.89
CA ILE B 20 -4.12 30.09 1.95
C ILE B 20 -4.03 30.79 0.60
N THR B 21 -2.82 30.99 0.10
CA THR B 21 -2.58 31.72 -1.14
C THR B 21 -2.18 30.75 -2.24
N CYS B 22 -2.97 30.73 -3.31
CA CYS B 22 -2.68 29.95 -4.51
C CYS B 22 -2.09 30.88 -5.56
N SER B 23 -0.99 30.48 -6.17
CA SER B 23 -0.28 31.30 -7.15
C SER B 23 -0.36 30.67 -8.53
N GLY B 24 -0.77 31.47 -9.51
CA GLY B 24 -0.88 31.02 -10.89
C GLY B 24 -0.82 32.17 -11.87
N ASP B 25 -0.15 31.96 -13.01
CA ASP B 25 0.05 33.05 -13.96
C ASP B 25 -1.24 33.46 -14.65
N ALA B 26 -2.21 32.55 -14.78
CA ALA B 26 -3.46 32.85 -15.47
C ALA B 26 -4.52 33.44 -14.55
N LEU B 27 -4.22 33.60 -13.27
CA LEU B 27 -5.21 34.14 -12.34
C LEU B 27 -5.71 35.55 -12.68
N PRO B 28 -4.93 36.43 -13.33
CA PRO B 28 -5.52 37.73 -13.74
C PRO B 28 -6.75 37.59 -14.62
N LYS B 29 -6.78 36.62 -15.53
CA LYS B 29 -7.91 36.45 -16.44
C LYS B 29 -8.71 35.17 -16.19
N GLU B 30 -8.34 34.37 -15.17
CA GLU B 30 -9.04 33.13 -14.87
C GLU B 30 -9.49 33.13 -13.42
N TYR B 31 -10.73 32.70 -13.20
CA TYR B 31 -11.27 32.61 -11.85
C TYR B 31 -10.56 31.53 -11.04
N ALA B 32 -10.58 31.68 -9.73
CA ALA B 32 -10.05 30.69 -8.81
C ALA B 32 -11.19 30.11 -7.99
N TYR B 33 -11.13 28.80 -7.75
CA TYR B 33 -12.13 28.09 -6.97
C TYR B 33 -11.44 27.33 -5.85
N TRP B 34 -12.06 27.31 -4.67
CA TRP B 34 -11.46 26.74 -3.47
C TRP B 34 -12.33 25.61 -2.94
N TYR B 35 -11.72 24.45 -2.72
CA TYR B 35 -12.39 23.28 -2.17
C TYR B 35 -11.86 22.98 -0.78
N GLN B 36 -12.78 22.64 0.12
CA GLN B 36 -12.42 22.16 1.46
C GLN B 36 -12.70 20.67 1.55
N GLN B 37 -11.72 19.91 2.02
CA GLN B 37 -11.86 18.46 2.16
C GLN B 37 -11.45 18.06 3.58
N LYS B 38 -12.44 17.65 4.38
CA LYS B 38 -12.16 17.16 5.71
C LYS B 38 -11.78 15.68 5.66
N SER B 39 -11.37 15.15 6.80
CA SER B 39 -10.87 13.78 6.87
C SER B 39 -11.93 12.78 6.42
N GLY B 40 -11.61 11.99 5.41
CA GLY B 40 -12.51 10.94 4.95
C GLY B 40 -13.81 11.46 4.38
N GLN B 41 -13.78 12.60 3.69
CA GLN B 41 -14.98 13.18 3.12
C GLN B 41 -14.66 13.71 1.73
N ALA B 42 -15.71 13.90 0.94
CA ALA B 42 -15.60 14.44 -0.41
C ALA B 42 -15.32 15.94 -0.36
N PRO B 43 -14.74 16.50 -1.41
CA PRO B 43 -14.46 17.94 -1.42
C PRO B 43 -15.74 18.76 -1.34
N VAL B 44 -15.64 19.91 -0.67
CA VAL B 44 -16.73 20.86 -0.53
C VAL B 44 -16.27 22.21 -1.04
N LEU B 45 -16.95 22.74 -2.04
CA LEU B 45 -16.59 24.03 -2.62
C LEU B 45 -16.99 25.15 -1.66
N VAL B 46 -16.02 25.97 -1.28
CA VAL B 46 -16.27 27.06 -0.33
C VAL B 46 -16.15 28.44 -0.97
N ILE B 47 -15.50 28.55 -2.12
CA ILE B 47 -15.33 29.84 -2.81
C ILE B 47 -15.40 29.59 -4.31
N TYR B 48 -16.34 30.27 -4.97
CA TYR B 48 -16.44 30.23 -6.42
C TYR B 48 -16.30 31.63 -6.98
N GLU B 49 -15.73 31.72 -8.18
CA GLU B 49 -15.49 32.98 -8.87
C GLU B 49 -14.71 33.96 -7.99
N ASP B 50 -13.53 33.50 -7.57
CA ASP B 50 -12.54 34.29 -6.85
C ASP B 50 -12.97 34.74 -5.47
N THR B 51 -14.24 35.13 -5.29
CA THR B 51 -14.62 35.77 -4.03
C THR B 51 -16.04 35.47 -3.56
N ARG B 52 -16.78 34.56 -4.19
CA ARG B 52 -18.17 34.32 -3.81
C ARG B 52 -18.30 32.97 -3.13
N ARG B 53 -19.23 32.90 -2.15
CA ARG B 53 -19.49 31.69 -1.39
C ARG B 53 -20.71 30.97 -1.94
N PRO B 54 -20.62 29.64 -2.16
CA PRO B 54 -21.85 28.88 -2.42
C PRO B 54 -22.76 28.93 -1.21
N SER B 55 -24.07 29.01 -1.48
CA SER B 55 -25.04 29.19 -0.41
C SER B 55 -24.99 28.03 0.58
N GLY B 56 -24.58 28.32 1.81
CA GLY B 56 -24.47 27.31 2.85
C GLY B 56 -23.12 27.32 3.54
N ILE B 57 -22.22 28.18 3.07
CA ILE B 57 -20.86 28.28 3.59
C ILE B 57 -20.81 29.46 4.56
N PRO B 58 -20.24 29.31 5.75
CA PRO B 58 -20.16 30.44 6.68
C PRO B 58 -19.37 31.59 6.10
N GLU B 59 -19.76 32.82 6.48
CA GLU B 59 -19.15 34.01 5.93
C GLU B 59 -17.75 34.28 6.48
N ARG B 60 -17.30 33.51 7.47
CA ARG B 60 -15.91 33.61 7.89
C ARG B 60 -14.95 33.09 6.83
N PHE B 61 -15.45 32.37 5.83
CA PHE B 61 -14.67 32.01 4.66
C PHE B 61 -14.80 33.12 3.63
N SER B 62 -13.67 33.64 3.17
CA SER B 62 -13.64 34.67 2.14
C SER B 62 -12.47 34.43 1.19
N GLY B 63 -12.60 34.96 -0.02
CA GLY B 63 -11.58 34.78 -1.03
C GLY B 63 -11.30 36.07 -1.78
N SER B 64 -10.09 36.15 -2.33
CA SER B 64 -9.69 37.29 -3.13
C SER B 64 -8.74 36.80 -4.21
N SER B 65 -8.37 37.73 -5.10
CA SER B 65 -7.49 37.39 -6.21
C SER B 65 -6.89 38.68 -6.77
N SER B 66 -5.56 38.75 -6.81
CA SER B 66 -4.88 39.93 -7.31
C SER B 66 -3.57 39.49 -7.97
N GLY B 67 -3.40 39.91 -9.22
CA GLY B 67 -2.21 39.49 -9.96
C GLY B 67 -2.20 37.98 -10.12
N THR B 68 -1.06 37.37 -9.80
CA THR B 68 -0.89 35.94 -9.92
C THR B 68 -1.24 35.18 -8.64
N MET B 69 -1.90 35.84 -7.69
CA MET B 69 -2.19 35.25 -6.39
C MET B 69 -3.68 35.28 -6.10
N ALA B 70 -4.21 34.15 -5.64
CA ALA B 70 -5.56 34.03 -5.13
C ALA B 70 -5.50 33.46 -3.72
N THR B 71 -6.19 34.12 -2.79
CA THR B 71 -6.06 33.80 -1.37
C THR B 71 -7.41 33.41 -0.79
N LEU B 72 -7.44 32.26 -0.11
CA LEU B 72 -8.58 31.88 0.71
C LEU B 72 -8.31 32.30 2.15
N THR B 73 -9.27 32.99 2.76
CA THR B 73 -9.11 33.55 4.09
C THR B 73 -10.19 32.98 5.01
N VAL B 74 -9.76 32.46 6.15
CA VAL B 74 -10.67 32.00 7.21
C VAL B 74 -10.50 32.95 8.38
N SER B 75 -11.49 33.81 8.60
CA SER B 75 -11.44 34.82 9.65
C SER B 75 -12.00 34.23 10.94
N GLY B 76 -11.19 34.24 12.00
CA GLY B 76 -11.58 33.62 13.25
C GLY B 76 -11.79 32.13 13.08
N ALA B 77 -10.70 31.39 12.98
CA ALA B 77 -10.77 29.98 12.60
C ALA B 77 -11.28 29.13 13.76
N HIS B 78 -12.25 28.26 13.46
CA HIS B 78 -12.65 27.22 14.38
C HIS B 78 -11.69 26.04 14.26
N VAL B 79 -11.72 25.16 15.27
CA VAL B 79 -11.01 23.88 15.15
C VAL B 79 -11.62 23.08 14.00
N ASP B 80 -12.92 23.22 13.76
CA ASP B 80 -13.61 22.51 12.70
C ASP B 80 -13.18 22.95 11.30
N ASP B 81 -12.37 24.00 11.18
CA ASP B 81 -11.85 24.42 9.88
C ASP B 81 -10.58 23.69 9.49
N GLU B 82 -10.07 22.80 10.35
CA GLU B 82 -8.94 21.96 9.97
C GLU B 82 -9.35 21.03 8.85
N ALA B 83 -8.70 21.17 7.71
CA ALA B 83 -9.00 20.35 6.53
C ALA B 83 -7.90 20.59 5.50
N ASP B 84 -8.04 19.95 4.35
CA ASP B 84 -7.20 20.19 3.20
C ASP B 84 -7.93 21.13 2.25
N TYR B 85 -7.23 22.17 1.79
CA TYR B 85 -7.83 23.20 0.95
C TYR B 85 -7.13 23.20 -0.40
N TYR B 86 -7.92 23.05 -1.46
CA TYR B 86 -7.42 22.95 -2.83
C TYR B 86 -7.90 24.14 -3.65
N CYS B 87 -6.98 24.79 -4.35
CA CYS B 87 -7.37 25.76 -5.37
C CYS B 87 -7.57 25.05 -6.69
N TYR B 88 -8.35 25.69 -7.56
CA TYR B 88 -8.84 25.04 -8.78
C TYR B 88 -9.15 26.11 -9.81
N SER B 89 -8.47 26.05 -10.95
CA SER B 89 -8.62 27.08 -11.98
C SER B 89 -8.35 26.46 -13.34
N ARG B 90 -8.50 27.26 -14.38
CA ARG B 90 -8.40 26.79 -15.76
C ARG B 90 -6.99 26.95 -16.28
N ASP B 91 -6.50 25.90 -16.97
CA ASP B 91 -5.24 25.95 -17.71
C ASP B 91 -5.61 26.14 -19.17
N THR B 92 -5.55 27.39 -19.64
CA THR B 92 -5.99 27.69 -21.00
C THR B 92 -5.05 27.09 -22.04
N SER B 93 -3.75 27.09 -21.77
CA SER B 93 -2.77 26.62 -22.75
C SER B 93 -2.99 25.14 -23.08
N ALA B 94 -3.11 24.30 -22.05
CA ALA B 94 -3.31 22.88 -22.23
C ALA B 94 -4.78 22.49 -22.34
N ASN B 95 -5.70 23.46 -22.19
CA ASN B 95 -7.14 23.21 -22.26
C ASN B 95 -7.55 22.10 -21.29
N GLN B 96 -7.37 22.41 -20.00
CA GLN B 96 -7.66 21.46 -18.94
C GLN B 96 -7.82 22.20 -17.63
N TRP B 97 -8.62 21.64 -16.74
CA TRP B 97 -8.70 22.14 -15.38
C TRP B 97 -7.57 21.54 -14.54
N VAL B 98 -7.10 22.31 -13.56
CA VAL B 98 -5.98 21.91 -12.74
C VAL B 98 -6.28 22.22 -11.27
N PHE B 99 -5.85 21.32 -10.39
CA PHE B 99 -5.95 21.51 -8.96
C PHE B 99 -4.59 21.94 -8.40
N GLY B 100 -4.61 22.73 -7.34
CA GLY B 100 -3.41 22.96 -6.57
C GLY B 100 -3.01 21.72 -5.78
N GLY B 101 -1.76 21.70 -5.33
CA GLY B 101 -1.26 20.57 -4.58
C GLY B 101 -1.97 20.34 -3.26
N GLY B 102 -2.65 21.35 -2.75
CA GLY B 102 -3.37 21.22 -1.50
C GLY B 102 -2.58 21.81 -0.33
N THR B 103 -3.32 22.36 0.64
CA THR B 103 -2.74 22.93 1.84
C THR B 103 -3.47 22.37 3.06
N LYS B 104 -2.71 21.75 3.96
CA LYS B 104 -3.28 21.26 5.20
C LYS B 104 -3.32 22.41 6.21
N LEU B 105 -4.50 22.70 6.73
CA LEU B 105 -4.68 23.77 7.72
C LEU B 105 -4.68 23.14 9.11
N THR B 106 -3.66 23.47 9.89
CA THR B 106 -3.52 22.97 11.25
C THR B 106 -3.95 24.07 12.23
N VAL B 107 -4.95 23.79 13.05
CA VAL B 107 -5.37 24.70 14.10
C VAL B 107 -4.58 24.35 15.36
N LEU B 108 -3.68 25.24 15.75
CA LEU B 108 -2.81 24.99 16.88
C LEU B 108 -3.59 25.12 18.19
N GLY B 109 -2.92 24.79 19.29
CA GLY B 109 -3.49 24.97 20.61
C GLY B 109 -4.65 24.08 20.95
N GLN B 110 -4.85 22.99 20.22
CA GLN B 110 -5.89 22.03 20.59
C GLN B 110 -5.45 21.28 21.84
N PRO B 111 -6.30 21.18 22.86
CA PRO B 111 -5.87 20.59 24.13
C PRO B 111 -5.77 19.08 24.07
N LYS B 112 -4.99 18.54 24.99
CA LYS B 112 -4.88 17.09 25.14
C LYS B 112 -6.22 16.50 25.55
N ALA B 113 -6.49 15.28 25.11
CA ALA B 113 -7.75 14.61 25.44
C ALA B 113 -7.50 13.12 25.58
N ALA B 114 -8.05 12.53 26.63
CA ALA B 114 -7.84 11.11 26.93
C ALA B 114 -8.77 10.24 26.09
N PRO B 115 -8.35 9.02 25.77
CA PRO B 115 -9.16 8.15 24.93
C PRO B 115 -10.30 7.50 25.68
N SER B 116 -11.41 7.32 24.96
CA SER B 116 -12.51 6.48 25.40
C SER B 116 -12.35 5.10 24.76
N VAL B 117 -12.40 4.06 25.58
CA VAL B 117 -12.08 2.70 25.15
C VAL B 117 -13.28 1.81 25.40
N THR B 118 -13.67 1.03 24.38
CA THR B 118 -14.70 0.01 24.50
C THR B 118 -14.15 -1.30 23.98
N LEU B 119 -14.26 -2.35 24.79
CA LEU B 119 -13.72 -3.67 24.47
C LEU B 119 -14.85 -4.68 24.38
N PHE B 120 -14.98 -5.34 23.22
CA PHE B 120 -15.99 -6.36 23.02
C PHE B 120 -15.36 -7.75 23.02
N PRO B 121 -15.99 -8.72 23.70
CA PRO B 121 -15.49 -10.10 23.64
C PRO B 121 -15.94 -10.78 22.36
N PRO B 122 -15.47 -11.99 22.09
CA PRO B 122 -15.97 -12.70 20.90
C PRO B 122 -17.45 -13.01 21.03
N SER B 123 -18.18 -12.76 19.95
CA SER B 123 -19.58 -13.16 19.91
C SER B 123 -19.68 -14.68 19.93
N SER B 124 -20.79 -15.19 20.46
CA SER B 124 -21.01 -16.62 20.45
C SER B 124 -21.17 -17.15 19.03
N GLU B 125 -21.68 -16.33 18.11
CA GLU B 125 -21.82 -16.75 16.72
C GLU B 125 -20.44 -17.00 16.08
N GLU B 126 -19.48 -16.12 16.37
CA GLU B 126 -18.13 -16.33 15.82
C GLU B 126 -17.46 -17.54 16.46
N LEU B 127 -17.67 -17.73 17.76
CA LEU B 127 -17.08 -18.89 18.44
C LEU B 127 -17.64 -20.19 17.89
N GLN B 128 -18.96 -20.24 17.66
CA GLN B 128 -19.55 -21.41 17.02
C GLN B 128 -19.09 -21.57 15.59
N ALA B 129 -18.54 -20.50 15.00
CA ALA B 129 -17.87 -20.58 13.69
C ALA B 129 -16.38 -20.84 13.82
N ASN B 130 -15.92 -21.31 14.98
CA ASN B 130 -14.54 -21.74 15.20
C ASN B 130 -13.55 -20.58 15.08
N LYS B 131 -13.96 -19.38 15.43
CA LYS B 131 -13.09 -18.22 15.41
C LYS B 131 -13.37 -17.35 16.63
N ALA B 132 -12.44 -16.44 16.91
CA ALA B 132 -12.56 -15.56 18.07
C ALA B 132 -11.81 -14.27 17.80
N THR B 133 -12.52 -13.14 17.94
CA THR B 133 -11.93 -11.83 17.72
C THR B 133 -12.34 -10.90 18.87
N LEU B 134 -11.33 -10.31 19.51
CA LEU B 134 -11.57 -9.26 20.50
C LEU B 134 -11.47 -7.91 19.80
N VAL B 135 -12.43 -7.04 20.07
CA VAL B 135 -12.54 -5.75 19.38
C VAL B 135 -12.38 -4.63 20.39
N CYS B 136 -11.32 -3.84 20.24
CA CYS B 136 -11.01 -2.73 21.12
C CYS B 136 -11.12 -1.44 20.31
N LEU B 137 -12.04 -0.57 20.73
CA LEU B 137 -12.35 0.64 19.98
C LEU B 137 -11.96 1.87 20.79
N ILE B 138 -11.20 2.77 20.17
CA ILE B 138 -10.57 3.90 20.84
C ILE B 138 -10.98 5.17 20.11
N SER B 139 -11.46 6.15 20.87
CA SER B 139 -12.02 7.35 20.23
C SER B 139 -11.90 8.55 21.16
N ASP B 140 -12.07 9.73 20.57
CA ASP B 140 -12.10 11.01 21.28
C ASP B 140 -10.81 11.27 22.06
N PHE B 141 -9.67 11.03 21.42
CA PHE B 141 -8.38 11.36 22.01
C PHE B 141 -7.62 12.31 21.10
N TYR B 142 -6.82 13.18 21.73
CA TYR B 142 -6.01 14.15 21.02
C TYR B 142 -4.75 14.40 21.85
N PRO B 143 -3.56 14.46 21.22
CA PRO B 143 -3.33 14.29 19.79
C PRO B 143 -3.46 12.84 19.30
N GLY B 144 -3.29 12.64 17.99
CA GLY B 144 -3.53 11.34 17.39
C GLY B 144 -2.36 10.39 17.46
N ALA B 145 -1.99 9.97 18.67
CA ALA B 145 -0.93 9.01 18.87
C ALA B 145 -1.23 8.21 20.12
N VAL B 146 -1.37 6.89 19.97
CA VAL B 146 -1.69 6.01 21.09
C VAL B 146 -0.83 4.76 21.00
N THR B 147 -0.75 4.06 22.13
CA THR B 147 -0.10 2.76 22.22
C THR B 147 -1.10 1.75 22.74
N VAL B 148 -1.27 0.65 22.00
CA VAL B 148 -2.21 -0.41 22.35
C VAL B 148 -1.42 -1.65 22.73
N ALA B 149 -1.66 -2.18 23.93
CA ALA B 149 -1.05 -3.41 24.39
C ALA B 149 -2.14 -4.35 24.88
N TRP B 150 -2.05 -5.62 24.51
CA TRP B 150 -3.01 -6.63 24.89
C TRP B 150 -2.41 -7.57 25.93
N LYS B 151 -3.28 -8.13 26.77
CA LYS B 151 -2.87 -9.04 27.82
C LYS B 151 -3.76 -10.28 27.82
N ALA B 152 -3.14 -11.44 27.99
CA ALA B 152 -3.84 -12.66 28.40
C ALA B 152 -3.53 -12.86 29.88
N ASP B 153 -4.58 -12.85 30.70
CA ASP B 153 -4.44 -12.74 32.15
C ASP B 153 -3.63 -11.49 32.48
N SER B 154 -2.39 -11.67 32.91
CA SER B 154 -1.49 -10.55 33.18
C SER B 154 -0.30 -10.49 32.23
N SER B 155 -0.13 -11.49 31.36
CA SER B 155 1.03 -11.61 30.48
C SER B 155 0.80 -10.87 29.17
N PRO B 156 1.86 -10.33 28.57
CA PRO B 156 1.70 -9.67 27.27
C PRO B 156 1.42 -10.68 26.17
N VAL B 157 0.57 -10.29 25.24
CA VAL B 157 0.23 -11.13 24.09
C VAL B 157 1.30 -10.96 23.02
N LYS B 158 1.71 -12.08 22.41
CA LYS B 158 2.82 -12.07 21.46
C LYS B 158 2.38 -12.07 19.99
N ALA B 159 1.12 -12.37 19.69
CA ALA B 159 0.70 -12.46 18.30
C ALA B 159 -0.80 -12.23 18.20
N GLY B 160 -1.27 -12.04 16.97
CA GLY B 160 -2.68 -11.90 16.69
C GLY B 160 -3.24 -10.50 16.86
N VAL B 161 -2.39 -9.48 17.02
CA VAL B 161 -2.83 -8.11 17.25
C VAL B 161 -2.73 -7.33 15.95
N GLU B 162 -3.83 -6.66 15.58
CA GLU B 162 -3.87 -5.75 14.45
C GLU B 162 -4.45 -4.43 14.92
N THR B 163 -3.74 -3.33 14.67
CA THR B 163 -4.12 -2.03 15.20
C THR B 163 -4.03 -0.98 14.09
N THR B 164 -5.10 -0.22 13.91
CA THR B 164 -5.12 0.83 12.91
C THR B 164 -4.26 2.02 13.35
N THR B 165 -3.87 2.82 12.37
CA THR B 165 -3.31 4.12 12.69
C THR B 165 -4.44 5.10 12.96
N PRO B 166 -4.29 5.98 13.95
CA PRO B 166 -5.37 6.91 14.29
C PRO B 166 -5.70 7.83 13.11
N SER B 167 -7.00 8.10 12.95
CA SER B 167 -7.49 9.01 11.93
C SER B 167 -8.49 9.96 12.57
N LYS B 168 -8.62 11.15 11.98
CA LYS B 168 -9.45 12.19 12.58
C LYS B 168 -10.92 11.86 12.44
N GLN B 169 -11.66 12.06 13.53
CA GLN B 169 -13.11 11.97 13.50
C GLN B 169 -13.71 13.30 13.03
N SER B 170 -15.03 13.32 12.87
CA SER B 170 -15.71 14.54 12.47
C SER B 170 -15.63 15.61 13.55
N ASN B 171 -15.56 15.20 14.82
CA ASN B 171 -15.41 16.13 15.92
C ASN B 171 -13.96 16.58 16.11
N ASN B 172 -13.10 16.32 15.13
CA ASN B 172 -11.69 16.72 15.08
C ASN B 172 -10.82 16.03 16.12
N LYS B 173 -11.37 15.12 16.92
CA LYS B 173 -10.55 14.25 17.76
C LYS B 173 -10.11 13.05 16.93
N TYR B 174 -9.46 12.08 17.55
CA TYR B 174 -8.93 10.93 16.83
C TYR B 174 -9.59 9.64 17.28
N ALA B 175 -9.65 8.69 16.37
CA ALA B 175 -10.21 7.38 16.64
C ALA B 175 -9.25 6.31 16.12
N ALA B 176 -9.31 5.14 16.73
CA ALA B 176 -8.52 3.99 16.31
C ALA B 176 -9.17 2.72 16.84
N SER B 177 -8.76 1.60 16.28
CA SER B 177 -9.28 0.30 16.69
C SER B 177 -8.18 -0.73 16.67
N SER B 178 -8.31 -1.73 17.53
CA SER B 178 -7.33 -2.80 17.65
C SER B 178 -8.05 -4.13 17.78
N TYR B 179 -7.58 -5.13 17.04
CA TYR B 179 -8.21 -6.43 16.98
C TYR B 179 -7.22 -7.50 17.44
N LEU B 180 -7.68 -8.37 18.33
CA LEU B 180 -6.92 -9.53 18.78
C LEU B 180 -7.63 -10.79 18.30
N SER B 181 -6.96 -11.57 17.46
CA SER B 181 -7.50 -12.81 16.93
C SER B 181 -7.02 -13.99 17.78
N LEU B 182 -7.98 -14.79 18.25
CA LEU B 182 -7.67 -15.95 19.07
C LEU B 182 -8.36 -17.17 18.49
N THR B 183 -7.88 -18.34 18.91
CA THR B 183 -8.68 -19.53 18.70
C THR B 183 -9.74 -19.61 19.81
N PRO B 184 -10.87 -20.27 19.55
CA PRO B 184 -11.86 -20.45 20.63
C PRO B 184 -11.29 -21.12 21.86
N GLU B 185 -10.25 -21.95 21.71
CA GLU B 185 -9.65 -22.59 22.87
C GLU B 185 -8.83 -21.60 23.70
N GLN B 186 -8.09 -20.72 23.04
CA GLN B 186 -7.31 -19.71 23.77
C GLN B 186 -8.23 -18.77 24.55
N TRP B 187 -9.39 -18.43 23.97
CA TRP B 187 -10.31 -17.53 24.64
C TRP B 187 -10.86 -18.15 25.92
N LYS B 188 -11.34 -19.40 25.83
CA LYS B 188 -11.97 -20.04 26.97
C LYS B 188 -10.98 -20.56 28.00
N SER B 189 -9.71 -20.73 27.62
CA SER B 189 -8.74 -21.32 28.55
C SER B 189 -8.11 -20.29 29.49
N HIS B 190 -8.24 -18.99 29.19
CA HIS B 190 -7.72 -17.94 30.05
C HIS B 190 -8.83 -17.36 30.91
N ARG B 191 -8.44 -16.70 31.99
CA ARG B 191 -9.42 -16.09 32.87
C ARG B 191 -9.89 -14.74 32.35
N SER B 192 -9.04 -14.03 31.60
CA SER B 192 -9.42 -12.71 31.09
C SER B 192 -8.47 -12.29 29.99
N TYR B 193 -8.92 -11.31 29.21
CA TYR B 193 -8.09 -10.61 28.24
C TYR B 193 -8.30 -9.11 28.42
N SER B 194 -7.24 -8.34 28.18
CA SER B 194 -7.26 -6.92 28.46
C SER B 194 -6.71 -6.14 27.26
N CYS B 195 -7.36 -5.01 26.97
CA CYS B 195 -6.87 -4.04 26.00
C CYS B 195 -6.39 -2.81 26.76
N GLN B 196 -5.09 -2.53 26.69
CA GLN B 196 -4.47 -1.44 27.42
C GLN B 196 -4.09 -0.34 26.45
N VAL B 197 -4.70 0.83 26.60
CA VAL B 197 -4.54 1.95 25.68
C VAL B 197 -3.85 3.08 26.43
N THR B 198 -2.66 3.47 25.97
CA THR B 198 -1.87 4.52 26.59
C THR B 198 -1.85 5.74 25.69
N HIS B 199 -2.00 6.92 26.30
CA HIS B 199 -2.05 8.17 25.53
C HIS B 199 -1.50 9.30 26.42
N GLU B 200 -0.20 9.54 26.31
CA GLU B 200 0.50 10.67 26.91
C GLU B 200 0.09 10.87 28.37
N GLY B 201 0.63 9.99 29.22
CA GLY B 201 0.42 10.08 30.65
C GLY B 201 -0.94 9.61 31.13
N SER B 202 -1.78 9.10 30.25
CA SER B 202 -3.05 8.48 30.64
C SER B 202 -3.13 7.09 30.03
N THR B 203 -3.72 6.17 30.77
CA THR B 203 -3.91 4.80 30.29
C THR B 203 -5.27 4.31 30.74
N VAL B 204 -6.08 3.87 29.78
CA VAL B 204 -7.36 3.23 30.05
C VAL B 204 -7.26 1.77 29.61
N GLU B 205 -7.56 0.86 30.53
CA GLU B 205 -7.51 -0.56 30.26
C GLU B 205 -8.86 -1.18 30.53
N LYS B 206 -9.39 -1.91 29.54
CA LYS B 206 -10.63 -2.65 29.67
C LYS B 206 -10.35 -4.14 29.62
N THR B 207 -11.19 -4.91 30.29
CA THR B 207 -10.96 -6.35 30.43
C THR B 207 -12.26 -7.11 30.20
N VAL B 208 -12.16 -8.22 29.47
CA VAL B 208 -13.28 -9.12 29.25
C VAL B 208 -12.87 -10.53 29.62
N ALA B 209 -13.87 -11.34 29.95
CA ALA B 209 -13.65 -12.70 30.42
C ALA B 209 -14.72 -13.63 29.85
N PRO B 210 -14.39 -14.91 29.68
CA PRO B 210 -15.43 -15.87 29.26
C PRO B 210 -16.47 -16.02 30.35
N THR B 211 -17.74 -15.91 29.95
CA THR B 211 -18.86 -15.95 30.89
C THR B 211 -18.81 -17.12 31.86
N ARG C 4 -17.21 39.38 -15.56
CA ARG C 4 -15.92 40.07 -15.63
C ARG C 4 -14.85 39.16 -16.23
N LYS C 5 -14.43 38.15 -15.47
CA LYS C 5 -13.45 37.20 -15.95
C LYS C 5 -14.12 36.14 -16.84
N ARG C 6 -13.31 35.26 -17.42
CA ARG C 6 -13.83 34.24 -18.31
C ARG C 6 -14.63 33.20 -17.54
N ILE C 7 -15.57 32.56 -18.25
CA ILE C 7 -16.42 31.52 -17.68
C ILE C 7 -16.44 30.36 -18.67
N HIS C 8 -15.76 29.26 -18.33
CA HIS C 8 -15.72 28.07 -19.16
C HIS C 8 -16.90 27.17 -18.83
N ILE C 9 -17.66 26.79 -19.85
CA ILE C 9 -18.88 26.01 -19.66
C ILE C 9 -18.56 24.53 -19.81
N GLY C 10 -18.00 24.18 -20.97
CA GLY C 10 -17.62 22.82 -21.26
C GLY C 10 -16.61 22.77 -22.38
N PRO C 11 -16.36 21.57 -22.91
CA PRO C 11 -15.52 21.45 -24.10
C PRO C 11 -16.11 22.22 -25.28
N GLY C 12 -15.49 23.34 -25.64
CA GLY C 12 -15.95 24.13 -26.76
C GLY C 12 -17.05 25.12 -26.45
N ARG C 13 -17.22 25.49 -25.19
CA ARG C 13 -18.21 26.47 -24.78
C ARG C 13 -17.60 27.39 -23.74
N ALA C 14 -17.61 28.69 -24.02
CA ALA C 14 -17.01 29.67 -23.13
C ALA C 14 -17.84 30.96 -23.15
N PHE C 15 -17.50 31.87 -22.25
CA PHE C 15 -18.17 33.16 -22.15
C PHE C 15 -17.12 34.23 -21.89
N TYR C 16 -17.24 35.35 -22.60
CA TYR C 16 -16.24 36.40 -22.52
C TYR C 16 -16.87 37.74 -22.18
N GLN D 1 36.95 -2.26 -5.67
CA GLN D 1 36.41 -2.44 -4.33
C GLN D 1 35.53 -1.27 -3.92
N VAL D 2 34.76 -0.75 -4.88
CA VAL D 2 33.75 0.25 -4.57
C VAL D 2 32.59 -0.44 -3.87
N GLN D 3 32.27 0.02 -2.67
CA GLN D 3 31.28 -0.66 -1.83
C GLN D 3 30.36 0.34 -1.15
N LEU D 4 29.06 0.11 -1.27
CA LEU D 4 28.06 0.80 -0.45
C LEU D 4 27.51 -0.21 0.54
N VAL D 5 27.73 0.05 1.83
CA VAL D 5 27.30 -0.85 2.91
C VAL D 5 26.32 -0.09 3.78
N GLN D 6 25.08 -0.56 3.82
CA GLN D 6 24.01 0.08 4.55
C GLN D 6 23.82 -0.55 5.91
N SER D 7 23.13 0.20 6.79
CA SER D 7 22.85 -0.29 8.14
C SER D 7 21.79 -1.39 8.09
N GLY D 8 21.65 -2.09 9.22
CA GLY D 8 20.78 -3.26 9.27
C GLY D 8 19.31 -2.90 9.18
N ALA D 9 18.51 -3.95 8.99
CA ALA D 9 17.07 -3.80 8.89
C ALA D 9 16.47 -3.38 10.23
N GLU D 10 15.35 -2.69 10.17
CA GLU D 10 14.70 -2.14 11.36
C GLU D 10 13.19 -2.28 11.25
N VAL D 11 12.53 -2.27 12.41
CA VAL D 11 11.10 -2.04 12.51
C VAL D 11 10.90 -0.69 13.18
N LYS D 12 9.96 0.08 12.66
CA LYS D 12 9.68 1.42 13.19
C LYS D 12 8.18 1.60 13.37
N LYS D 13 7.81 2.27 14.45
CA LYS D 13 6.40 2.47 14.76
C LYS D 13 5.79 3.51 13.81
N PRO D 14 4.51 3.37 13.49
CA PRO D 14 3.86 4.37 12.63
C PRO D 14 3.92 5.76 13.25
N GLY D 15 4.10 6.76 12.40
CA GLY D 15 4.25 8.13 12.84
C GLY D 15 5.66 8.50 13.27
N ALA D 16 6.50 7.53 13.59
CA ALA D 16 7.87 7.80 14.00
C ALA D 16 8.75 8.06 12.78
N SER D 17 10.06 8.05 12.98
CA SER D 17 11.02 8.29 11.92
C SER D 17 12.05 7.17 11.88
N VAL D 18 12.71 7.04 10.72
CA VAL D 18 13.77 6.06 10.53
C VAL D 18 14.94 6.75 9.88
N LYS D 19 16.15 6.30 10.22
CA LYS D 19 17.38 6.88 9.69
C LYS D 19 18.29 5.75 9.23
N VAL D 20 18.63 5.75 7.95
CA VAL D 20 19.43 4.70 7.33
C VAL D 20 20.76 5.28 6.89
N SER D 21 21.84 4.55 7.16
CA SER D 21 23.18 4.97 6.79
C SER D 21 23.66 4.19 5.56
N CYS D 22 24.68 4.74 4.91
CA CYS D 22 25.24 4.15 3.69
C CYS D 22 26.70 4.55 3.63
N GLU D 23 27.58 3.65 4.08
CA GLU D 23 29.01 3.93 4.18
C GLU D 23 29.68 3.55 2.87
N ALA D 24 30.21 4.56 2.16
CA ALA D 24 30.87 4.34 0.88
C ALA D 24 32.34 4.06 1.09
N SER D 25 32.87 3.13 0.29
CA SER D 25 34.26 2.71 0.41
C SER D 25 34.86 2.51 -0.98
N GLY D 26 36.17 2.69 -1.06
CA GLY D 26 36.90 2.35 -2.27
C GLY D 26 36.91 3.39 -3.36
N TYR D 27 36.61 4.65 -3.05
CA TYR D 27 36.67 5.71 -4.04
C TYR D 27 36.67 7.06 -3.32
N THR D 28 36.87 8.12 -4.10
CA THR D 28 36.86 9.48 -3.58
C THR D 28 35.42 9.87 -3.23
N PHE D 29 35.10 9.86 -1.94
CA PHE D 29 33.73 10.09 -1.50
C PHE D 29 33.21 11.46 -1.94
N ALA D 30 34.10 12.45 -2.04
CA ALA D 30 33.68 13.80 -2.37
C ALA D 30 33.40 13.99 -3.86
N LYS D 31 33.82 13.06 -4.71
CA LYS D 31 33.69 13.22 -6.15
C LYS D 31 32.39 12.67 -6.71
N PHE D 32 31.52 12.09 -5.87
CA PHE D 32 30.31 11.44 -6.33
C PHE D 32 29.12 11.82 -5.46
N ALA D 33 27.98 12.05 -6.10
CA ALA D 33 26.72 12.10 -5.39
C ALA D 33 26.20 10.68 -5.16
N ILE D 34 25.22 10.55 -4.29
CA ILE D 34 24.67 9.24 -3.92
C ILE D 34 23.16 9.32 -3.90
N HIS D 35 22.51 8.39 -4.61
CA HIS D 35 21.06 8.34 -4.69
C HIS D 35 20.48 7.54 -3.51
N TRP D 36 19.17 7.71 -3.33
CA TRP D 36 18.38 6.85 -2.45
C TRP D 36 17.10 6.47 -3.18
N VAL D 37 16.89 5.17 -3.38
CA VAL D 37 15.65 4.67 -3.95
C VAL D 37 15.11 3.60 -3.00
N ARG D 38 13.81 3.38 -3.08
CA ARG D 38 13.14 2.40 -2.25
C ARG D 38 12.20 1.55 -3.11
N GLN D 39 11.75 0.45 -2.54
CA GLN D 39 10.86 -0.47 -3.25
C GLN D 39 10.00 -1.20 -2.23
N ALA D 40 8.71 -0.86 -2.21
CA ALA D 40 7.77 -1.60 -1.39
C ALA D 40 7.70 -3.05 -1.89
N PRO D 41 7.33 -4.01 -1.00
CA PRO D 41 7.51 -5.45 -1.31
C PRO D 41 7.26 -5.88 -2.75
N ARG D 42 6.01 -5.81 -3.22
CA ARG D 42 5.67 -6.21 -4.57
C ARG D 42 5.45 -5.03 -5.51
N GLN D 43 6.18 -3.94 -5.30
CA GLN D 43 5.99 -2.71 -6.07
C GLN D 43 7.26 -2.39 -6.87
N GLY D 44 7.22 -1.26 -7.57
CA GLY D 44 8.33 -0.83 -8.39
C GLY D 44 9.29 0.09 -7.66
N LEU D 45 10.31 0.51 -8.39
CA LEU D 45 11.34 1.37 -7.82
C LEU D 45 10.88 2.82 -7.79
N GLU D 46 11.12 3.49 -6.67
CA GLU D 46 10.79 4.90 -6.49
C GLU D 46 12.06 5.68 -6.16
N TRP D 47 12.31 6.75 -6.90
CA TRP D 47 13.42 7.63 -6.59
C TRP D 47 13.05 8.53 -5.43
N MET D 48 13.93 8.64 -4.44
CA MET D 48 13.69 9.50 -3.30
C MET D 48 14.52 10.77 -3.32
N GLY D 49 15.74 10.71 -3.82
CA GLY D 49 16.58 11.88 -3.88
C GLY D 49 18.05 11.49 -3.95
N TRP D 50 18.89 12.53 -3.98
CA TRP D 50 20.33 12.34 -3.97
C TRP D 50 20.98 13.53 -3.29
N ILE D 51 22.25 13.36 -2.93
CA ILE D 51 23.02 14.38 -2.22
C ILE D 51 24.47 14.27 -2.64
N ASN D 52 25.09 15.42 -2.91
CA ASN D 52 26.49 15.44 -3.31
C ASN D 52 27.38 15.03 -2.13
N GLY D 53 28.43 14.28 -2.44
CA GLY D 53 29.32 13.80 -1.39
C GLY D 53 30.21 14.88 -0.82
N ASP D 54 30.60 15.86 -1.64
CA ASP D 54 31.51 16.90 -1.17
C ASP D 54 30.77 17.99 -0.40
N ASP D 55 29.99 18.80 -1.11
CA ASP D 55 29.35 19.96 -0.49
C ASP D 55 28.13 19.57 0.34
N GLY D 56 27.38 18.57 -0.11
CA GLY D 56 26.23 18.10 0.64
C GLY D 56 24.89 18.68 0.22
N LYS D 57 24.81 19.36 -0.91
CA LYS D 57 23.52 19.83 -1.40
C LYS D 57 22.62 18.65 -1.72
N THR D 58 21.34 18.79 -1.42
CA THR D 58 20.37 17.73 -1.60
C THR D 58 19.36 18.11 -2.69
N GLU D 59 18.70 17.09 -3.22
CA GLU D 59 17.62 17.29 -4.18
C GLU D 59 16.65 16.13 -3.99
N TYR D 60 15.45 16.42 -3.50
CA TYR D 60 14.52 15.40 -3.07
C TYR D 60 13.42 15.18 -4.11
N SER D 61 12.84 13.99 -4.07
CA SER D 61 11.72 13.67 -4.94
C SER D 61 10.50 14.52 -4.58
N GLN D 62 9.61 14.68 -5.56
CA GLN D 62 8.36 15.39 -5.32
C GLN D 62 7.52 14.71 -4.25
N LYS D 63 7.62 13.39 -4.15
CA LYS D 63 6.74 12.63 -3.27
C LYS D 63 7.19 12.72 -1.81
N PHE D 64 8.50 12.76 -1.56
CA PHE D 64 9.05 12.76 -0.21
C PHE D 64 9.62 14.11 0.19
N GLN D 65 9.26 15.18 -0.53
CA GLN D 65 9.89 16.48 -0.31
C GLN D 65 9.77 16.94 1.14
N ASP D 66 8.65 16.62 1.79
CA ASP D 66 8.41 17.10 3.15
C ASP D 66 8.94 16.15 4.22
N ARG D 67 9.03 14.85 3.92
CA ARG D 67 9.28 13.85 4.95
C ARG D 67 10.72 13.32 4.97
N VAL D 68 11.55 13.67 3.98
CA VAL D 68 12.90 13.13 3.90
C VAL D 68 13.91 14.24 4.17
N THR D 69 15.03 13.84 4.78
CA THR D 69 16.19 14.70 4.96
C THR D 69 17.43 13.84 4.81
N MET D 70 18.31 14.21 3.88
CA MET D 70 19.54 13.49 3.62
C MET D 70 20.73 14.33 4.03
N THR D 71 21.70 13.69 4.69
CA THR D 71 22.91 14.35 5.16
C THR D 71 24.12 13.54 4.73
N ARG D 72 25.31 14.10 4.99
CA ARG D 72 26.55 13.41 4.70
C ARG D 72 27.59 13.79 5.74
N ASP D 73 28.49 12.85 6.03
CA ASP D 73 29.60 13.06 6.96
C ASP D 73 30.87 12.65 6.21
N THR D 74 31.66 13.65 5.79
CA THR D 74 32.80 13.38 4.92
C THR D 74 33.90 12.61 5.62
N SER D 75 33.98 12.67 6.95
CA SER D 75 35.04 11.97 7.67
C SER D 75 34.89 10.47 7.54
N ALA D 76 33.67 9.96 7.68
CA ALA D 76 33.40 8.53 7.60
C ALA D 76 32.95 8.08 6.21
N SER D 77 32.86 9.01 5.26
CA SER D 77 32.42 8.71 3.89
C SER D 77 31.06 8.02 3.91
N THR D 78 30.16 8.51 4.76
CA THR D 78 28.86 7.90 5.00
C THR D 78 27.76 8.89 4.68
N VAL D 79 26.80 8.47 3.85
CA VAL D 79 25.62 9.25 3.53
C VAL D 79 24.42 8.69 4.30
N TYR D 80 23.59 9.58 4.80
CA TYR D 80 22.43 9.19 5.60
C TYR D 80 21.15 9.65 4.93
N MET D 81 20.08 8.88 5.18
CA MET D 81 18.74 9.22 4.72
C MET D 81 17.76 9.01 5.86
N GLU D 82 16.95 10.03 6.14
CA GLU D 82 15.98 10.00 7.24
C GLU D 82 14.59 10.23 6.69
N LEU D 83 13.67 9.32 6.99
CA LEU D 83 12.27 9.43 6.56
C LEU D 83 11.41 9.56 7.81
N SER D 84 10.62 10.63 7.86
CA SER D 84 9.78 10.95 9.02
C SER D 84 8.32 10.74 8.67
N SER D 85 7.48 10.81 9.72
CA SER D 85 6.04 10.61 9.59
C SER D 85 5.73 9.29 8.89
N LEU D 86 6.29 8.21 9.43
CA LEU D 86 6.26 6.92 8.77
C LEU D 86 4.84 6.35 8.76
N ARG D 87 4.30 6.16 7.56
CA ARG D 87 3.07 5.42 7.36
C ARG D 87 3.39 3.94 7.13
N SER D 88 2.38 3.09 7.35
CA SER D 88 2.59 1.66 7.16
C SER D 88 2.93 1.31 5.72
N GLU D 89 2.60 2.18 4.77
CA GLU D 89 2.96 1.97 3.37
C GLU D 89 4.42 2.31 3.08
N ASP D 90 5.14 2.86 4.05
CA ASP D 90 6.58 3.08 3.90
C ASP D 90 7.39 1.82 4.10
N THR D 91 6.76 0.70 4.49
CA THR D 91 7.43 -0.58 4.57
C THR D 91 8.03 -0.93 3.22
N ALA D 92 9.35 -0.86 3.11
CA ALA D 92 10.00 -1.03 1.81
C ALA D 92 11.46 -1.38 2.02
N LEU D 93 12.08 -1.84 0.94
CA LEU D 93 13.52 -2.05 0.90
C LEU D 93 14.17 -0.76 0.41
N TYR D 94 15.09 -0.21 1.21
CA TYR D 94 15.69 1.08 0.94
C TYR D 94 17.12 0.90 0.45
N TYR D 95 17.40 1.39 -0.75
CA TYR D 95 18.71 1.28 -1.38
C TYR D 95 19.40 2.63 -1.42
N CYS D 96 20.72 2.62 -1.27
CA CYS D 96 21.57 3.73 -1.67
C CYS D 96 22.39 3.30 -2.89
N ALA D 97 22.61 4.24 -3.80
CA ALA D 97 23.31 3.94 -5.03
C ALA D 97 24.14 5.15 -5.44
N ARG D 98 25.41 4.92 -5.77
CA ARG D 98 26.28 6.01 -6.18
C ARG D 98 25.85 6.56 -7.53
N ALA D 99 26.02 7.87 -7.70
CA ALA D 99 25.67 8.51 -8.97
C ALA D 99 26.55 7.97 -10.09
N MET D 100 26.00 7.97 -11.31
CA MET D 100 26.71 7.41 -12.44
C MET D 100 27.91 8.26 -12.85
N TYR D 101 27.84 9.56 -12.62
CA TYR D 101 28.85 10.47 -13.14
C TYR D 101 29.54 11.23 -12.03
N PRO D 102 30.86 11.34 -12.08
CA PRO D 102 31.61 12.07 -11.05
C PRO D 102 31.56 13.57 -11.31
N ASP D 103 32.19 14.32 -10.40
CA ASP D 103 32.24 15.77 -10.51
C ASP D 103 33.46 16.13 -11.37
N THR D 104 33.23 16.26 -12.67
CA THR D 104 34.31 16.53 -13.61
C THR D 104 34.56 18.03 -13.79
N VAL D 105 33.50 18.80 -14.03
CA VAL D 105 33.65 20.21 -14.37
C VAL D 105 33.19 21.08 -13.20
N THR D 106 33.95 21.05 -12.11
CA THR D 106 33.72 21.93 -10.97
C THR D 106 34.93 22.86 -10.86
N GLY D 107 34.81 24.04 -11.45
CA GLY D 107 35.91 24.98 -11.47
C GLY D 107 36.91 24.61 -12.55
N ASN D 108 37.22 23.30 -12.64
CA ASN D 108 38.09 22.79 -13.69
C ASN D 108 37.56 23.21 -15.06
N ASP D 109 38.33 24.02 -15.76
CA ASP D 109 37.83 24.74 -16.93
C ASP D 109 37.75 23.80 -18.14
N ASN D 110 37.41 24.38 -19.30
CA ASN D 110 37.21 23.68 -20.57
C ASN D 110 36.01 22.74 -20.48
N PRO D 111 35.52 22.18 -21.60
CA PRO D 111 34.39 21.26 -21.52
C PRO D 111 34.65 20.03 -20.65
N ALA D 112 35.30 19.02 -21.22
CA ALA D 112 35.59 17.75 -20.56
C ALA D 112 34.30 17.08 -20.11
N PRO D 113 33.69 16.26 -20.97
CA PRO D 113 32.46 15.58 -20.58
C PRO D 113 32.72 14.49 -19.55
N PRO D 114 31.88 14.40 -18.52
CA PRO D 114 32.11 13.39 -17.47
C PRO D 114 31.78 12.00 -17.96
N PRO D 115 32.62 11.01 -17.65
CA PRO D 115 32.37 9.65 -18.11
C PRO D 115 31.47 8.88 -17.16
N PHE D 116 30.82 7.86 -17.71
CA PHE D 116 30.01 6.94 -16.91
C PHE D 116 30.93 6.02 -16.13
N GLU D 117 30.86 6.09 -14.80
CA GLU D 117 31.82 5.42 -13.93
C GLU D 117 31.23 4.20 -13.23
N GLY D 118 30.29 3.51 -13.88
CA GLY D 118 29.77 2.26 -13.37
C GLY D 118 28.50 2.43 -12.55
N ASP D 119 27.86 1.29 -12.30
CA ASP D 119 26.60 1.23 -11.56
C ASP D 119 26.83 0.49 -10.26
N TYR D 120 26.66 1.19 -9.14
CA TYR D 120 26.98 0.66 -7.81
C TYR D 120 25.79 0.87 -6.88
N TRP D 121 25.30 -0.22 -6.30
CA TRP D 121 24.17 -0.19 -5.38
C TRP D 121 24.59 -0.81 -4.04
N GLY D 122 24.04 -0.29 -2.97
CA GLY D 122 24.20 -0.92 -1.68
C GLY D 122 23.39 -2.20 -1.57
N GLN D 123 23.61 -2.93 -0.48
CA GLN D 123 22.90 -4.18 -0.29
C GLN D 123 21.44 -3.96 0.07
N GLY D 124 21.07 -2.75 0.47
CA GLY D 124 19.68 -2.44 0.76
C GLY D 124 19.34 -2.65 2.22
N THR D 125 18.36 -1.86 2.69
CA THR D 125 17.91 -1.91 4.08
C THR D 125 16.39 -2.06 4.09
N LEU D 126 15.91 -3.11 4.75
CA LEU D 126 14.48 -3.37 4.84
C LEU D 126 13.93 -2.69 6.09
N VAL D 127 13.06 -1.70 5.90
CA VAL D 127 12.41 -0.99 6.99
C VAL D 127 10.95 -1.42 7.02
N THR D 128 10.52 -2.00 8.14
CA THR D 128 9.14 -2.40 8.33
C THR D 128 8.46 -1.41 9.27
N VAL D 129 7.34 -0.84 8.83
CA VAL D 129 6.57 0.11 9.62
C VAL D 129 5.42 -0.65 10.26
N SER D 130 5.47 -0.80 11.58
CA SER D 130 4.45 -1.53 12.31
C SER D 130 4.57 -1.20 13.80
N SER D 131 3.45 -1.33 14.50
CA SER D 131 3.41 -1.15 15.95
C SER D 131 3.75 -2.42 16.71
N ALA D 132 3.87 -3.56 16.01
CA ALA D 132 4.27 -4.79 16.67
C ALA D 132 5.74 -4.73 17.08
N SER D 133 6.06 -5.34 18.22
CA SER D 133 7.42 -5.36 18.72
C SER D 133 8.20 -6.52 18.09
N THR D 134 9.52 -6.37 18.12
CA THR D 134 10.41 -7.39 17.56
C THR D 134 10.29 -8.69 18.36
N LYS D 135 10.42 -9.80 17.65
CA LYS D 135 10.30 -11.13 18.26
C LYS D 135 11.29 -12.07 17.60
N GLY D 136 12.13 -12.71 18.41
CA GLY D 136 13.06 -13.70 17.91
C GLY D 136 12.34 -14.98 17.53
N PRO D 137 12.99 -15.80 16.68
CA PRO D 137 12.33 -17.01 16.18
C PRO D 137 12.47 -18.20 17.10
N SER D 138 11.48 -19.09 17.01
CA SER D 138 11.55 -20.40 17.63
C SER D 138 11.99 -21.39 16.55
N VAL D 139 13.18 -21.94 16.70
CA VAL D 139 13.77 -22.81 15.69
C VAL D 139 13.61 -24.26 16.15
N PHE D 140 13.04 -25.09 15.27
CA PHE D 140 12.80 -26.48 15.58
C PHE D 140 13.48 -27.38 14.55
N PRO D 141 14.01 -28.53 14.97
CA PRO D 141 14.66 -29.44 14.03
C PRO D 141 13.64 -30.29 13.29
N LEU D 142 13.86 -30.45 12.00
CA LEU D 142 13.04 -31.32 11.16
C LEU D 142 13.86 -32.58 10.88
N ALA D 143 13.52 -33.66 11.59
CA ALA D 143 14.33 -34.87 11.58
C ALA D 143 14.35 -35.48 10.18
N PRO D 144 15.45 -36.15 9.82
CA PRO D 144 15.56 -36.74 8.47
C PRO D 144 14.55 -37.85 8.27
N SER D 145 14.07 -37.98 7.03
CA SER D 145 13.10 -39.00 6.69
C SER D 145 13.05 -39.17 5.18
N SER D 146 13.03 -40.43 4.74
CA SER D 146 12.80 -40.72 3.33
C SER D 146 11.32 -40.66 2.97
N LYS D 147 10.45 -40.94 3.93
CA LYS D 147 9.00 -40.87 3.71
C LYS D 147 8.49 -39.44 3.57
N SER D 148 9.28 -38.44 3.96
CA SER D 148 8.83 -37.05 3.93
C SER D 148 8.82 -36.47 2.52
N THR D 149 9.53 -37.08 1.58
CA THR D 149 9.80 -36.49 0.28
C THR D 149 9.08 -37.28 -0.81
N SER D 150 8.69 -36.56 -1.88
CA SER D 150 7.99 -37.18 -2.99
C SER D 150 8.92 -37.91 -3.95
N GLY D 151 10.22 -37.64 -3.91
CA GLY D 151 11.22 -38.30 -4.71
C GLY D 151 11.94 -39.40 -3.96
N GLY D 152 13.23 -39.56 -4.27
CA GLY D 152 13.98 -40.70 -3.77
C GLY D 152 15.00 -40.42 -2.67
N THR D 153 15.42 -39.17 -2.54
CA THR D 153 16.36 -38.80 -1.50
C THR D 153 15.63 -38.31 -0.26
N ALA D 154 16.25 -38.52 0.90
CA ALA D 154 15.67 -38.09 2.16
C ALA D 154 15.85 -36.58 2.34
N ALA D 155 15.28 -36.04 3.41
CA ALA D 155 15.37 -34.61 3.67
C ALA D 155 15.29 -34.36 5.17
N LEU D 156 16.08 -33.39 5.62
CA LEU D 156 16.00 -32.84 6.97
C LEU D 156 15.93 -31.32 6.84
N GLY D 157 15.82 -30.63 7.97
CA GLY D 157 15.83 -29.18 7.92
C GLY D 157 15.50 -28.55 9.25
N CYS D 158 15.18 -27.26 9.19
CA CYS D 158 14.89 -26.46 10.37
C CYS D 158 13.63 -25.63 10.13
N LEU D 159 12.74 -25.60 11.10
CA LEU D 159 11.55 -24.77 11.08
C LEU D 159 11.84 -23.49 11.88
N VAL D 160 11.76 -22.35 11.23
CA VAL D 160 12.03 -21.06 11.86
C VAL D 160 10.67 -20.41 12.09
N LYS D 161 10.13 -20.55 13.29
CA LYS D 161 8.73 -20.29 13.57
C LYS D 161 8.55 -18.98 14.33
N ASP D 162 7.58 -18.18 13.89
CA ASP D 162 7.09 -17.00 14.61
C ASP D 162 8.19 -16.00 14.97
N TYR D 163 8.65 -15.23 13.98
CA TYR D 163 9.58 -14.14 14.20
C TYR D 163 9.05 -12.87 13.55
N PHE D 164 9.59 -11.73 13.99
CA PHE D 164 9.18 -10.45 13.44
C PHE D 164 10.25 -9.42 13.80
N PRO D 165 10.66 -8.56 12.86
CA PRO D 165 10.23 -8.59 11.46
C PRO D 165 11.19 -9.35 10.55
N GLU D 166 11.01 -9.20 9.25
CA GLU D 166 11.96 -9.71 8.29
C GLU D 166 13.22 -8.83 8.29
N PRO D 167 14.37 -9.38 7.85
CA PRO D 167 14.60 -10.72 7.32
C PRO D 167 15.27 -11.69 8.29
N VAL D 168 15.38 -12.94 7.86
CA VAL D 168 16.14 -13.97 8.56
C VAL D 168 17.03 -14.65 7.53
N THR D 169 18.32 -14.78 7.84
CA THR D 169 19.26 -15.51 6.99
C THR D 169 19.56 -16.86 7.60
N VAL D 170 19.61 -17.89 6.77
CA VAL D 170 19.88 -19.26 7.21
C VAL D 170 21.12 -19.76 6.49
N SER D 171 22.05 -20.32 7.26
CA SER D 171 23.17 -21.08 6.73
C SER D 171 23.24 -22.42 7.46
N TRP D 172 24.09 -23.30 6.96
CA TRP D 172 24.27 -24.62 7.55
C TRP D 172 25.74 -24.86 7.82
N ASN D 173 26.03 -25.37 9.02
CA ASN D 173 27.39 -25.69 9.46
C ASN D 173 28.31 -24.48 9.30
N SER D 174 27.81 -23.31 9.72
CA SER D 174 28.55 -22.06 9.66
C SER D 174 28.98 -21.75 8.23
N GLY D 175 28.13 -22.15 7.28
CA GLY D 175 28.36 -21.92 5.87
C GLY D 175 29.19 -22.98 5.18
N ALA D 176 29.62 -24.01 5.89
CA ALA D 176 30.40 -25.07 5.26
C ALA D 176 29.55 -25.98 4.38
N LEU D 177 28.23 -25.99 4.58
CA LEU D 177 27.31 -26.85 3.83
C LEU D 177 26.47 -25.97 2.91
N THR D 178 26.62 -26.17 1.60
CA THR D 178 25.87 -25.36 0.64
C THR D 178 25.13 -26.25 -0.36
N SER D 179 25.65 -27.45 -0.62
CA SER D 179 25.06 -28.33 -1.61
C SER D 179 23.81 -29.02 -1.06
N GLY D 180 22.77 -29.07 -1.87
CA GLY D 180 21.52 -29.69 -1.45
C GLY D 180 20.70 -28.86 -0.50
N VAL D 181 21.04 -27.59 -0.31
CA VAL D 181 20.35 -26.71 0.62
C VAL D 181 19.35 -25.86 -0.15
N HIS D 182 18.10 -25.84 0.33
CA HIS D 182 17.06 -24.97 -0.23
C HIS D 182 16.36 -24.27 0.93
N THR D 183 16.52 -22.96 1.01
CA THR D 183 15.85 -22.14 2.01
C THR D 183 14.63 -21.49 1.37
N PHE D 184 13.47 -21.66 2.00
CA PHE D 184 12.24 -21.18 1.38
C PHE D 184 11.89 -19.77 1.86
N PRO D 185 11.31 -18.95 0.99
CA PRO D 185 10.84 -17.63 1.41
C PRO D 185 9.80 -17.75 2.52
N ALA D 186 9.75 -16.73 3.37
CA ALA D 186 8.91 -16.80 4.56
C ALA D 186 7.45 -16.57 4.21
N VAL D 187 6.58 -17.08 5.06
CA VAL D 187 5.14 -16.81 4.99
C VAL D 187 4.80 -15.76 6.03
N LEU D 188 3.97 -14.80 5.66
CA LEU D 188 3.39 -13.87 6.62
C LEU D 188 2.09 -14.48 7.12
N GLN D 189 2.14 -15.06 8.32
CA GLN D 189 0.96 -15.70 8.89
C GLN D 189 -0.06 -14.65 9.31
N SER D 190 -1.32 -15.09 9.40
CA SER D 190 -2.39 -14.20 9.82
C SER D 190 -2.20 -13.71 11.26
N SER D 191 -1.35 -14.39 12.03
CA SER D 191 -1.03 -13.95 13.39
C SER D 191 -0.12 -12.72 13.40
N GLY D 192 0.39 -12.30 12.25
CA GLY D 192 1.30 -11.18 12.17
C GLY D 192 2.76 -11.56 12.19
N LEU D 193 3.09 -12.81 12.49
CA LEU D 193 4.47 -13.27 12.58
C LEU D 193 4.85 -14.06 11.33
N TYR D 194 6.14 -14.09 11.06
CA TYR D 194 6.69 -14.80 9.91
C TYR D 194 7.19 -16.17 10.31
N SER D 195 7.31 -17.05 9.30
CA SER D 195 7.88 -18.38 9.49
C SER D 195 8.48 -18.82 8.16
N LEU D 196 9.62 -19.52 8.23
CA LEU D 196 10.22 -20.11 7.04
C LEU D 196 10.86 -21.43 7.42
N SER D 197 11.36 -22.12 6.40
CA SER D 197 12.06 -23.39 6.58
C SER D 197 13.25 -23.44 5.64
N SER D 198 14.26 -24.22 6.04
CA SER D 198 15.40 -24.53 5.19
C SER D 198 15.61 -26.04 5.24
N VAL D 199 15.80 -26.66 4.07
CA VAL D 199 15.91 -28.11 3.99
C VAL D 199 17.23 -28.48 3.32
N VAL D 200 17.77 -29.62 3.72
CA VAL D 200 18.96 -30.20 3.13
C VAL D 200 18.60 -31.59 2.60
N THR D 201 19.10 -31.93 1.43
CA THR D 201 18.89 -33.24 0.84
C THR D 201 19.95 -34.20 1.35
N VAL D 202 19.50 -35.33 1.90
CA VAL D 202 20.40 -36.27 2.57
C VAL D 202 20.11 -37.67 2.05
N PRO D 203 21.06 -38.60 2.20
CA PRO D 203 20.83 -39.96 1.66
C PRO D 203 19.65 -40.69 2.29
N SER D 204 19.61 -40.78 3.61
CA SER D 204 18.56 -41.54 4.29
C SER D 204 18.21 -40.85 5.60
N SER D 205 17.47 -41.55 6.46
CA SER D 205 17.12 -41.06 7.79
C SER D 205 18.20 -41.35 8.82
N SER D 206 19.29 -41.99 8.43
CA SER D 206 20.43 -42.25 9.31
C SER D 206 21.53 -41.26 8.95
N LEU D 207 21.84 -40.36 9.88
CA LEU D 207 22.90 -39.37 9.67
C LEU D 207 24.30 -39.95 9.91
N GLY D 208 24.39 -41.06 10.63
CA GLY D 208 25.68 -41.69 10.89
C GLY D 208 26.69 -40.78 11.57
N THR D 209 27.61 -40.24 10.79
CA THR D 209 28.70 -39.44 11.31
C THR D 209 28.64 -37.98 10.86
N GLN D 210 27.68 -37.62 10.01
CA GLN D 210 27.57 -36.26 9.51
C GLN D 210 26.88 -35.36 10.53
N THR D 211 27.22 -34.07 10.48
CA THR D 211 26.65 -33.07 11.38
C THR D 211 25.84 -32.07 10.57
N TYR D 212 24.63 -31.79 11.02
CA TYR D 212 23.73 -30.86 10.34
C TYR D 212 23.22 -29.84 11.35
N ILE D 213 23.76 -28.63 11.30
CA ILE D 213 23.39 -27.55 12.20
C ILE D 213 23.00 -26.34 11.34
N CYS D 214 21.77 -25.86 11.53
CA CYS D 214 21.30 -24.68 10.81
C CYS D 214 21.57 -23.43 11.63
N ASN D 215 22.16 -22.43 10.99
CA ASN D 215 22.49 -21.16 11.64
C ASN D 215 21.45 -20.13 11.24
N VAL D 216 20.55 -19.80 12.17
CA VAL D 216 19.44 -18.90 11.93
C VAL D 216 19.77 -17.55 12.55
N ASN D 217 19.97 -16.53 11.71
CA ASN D 217 20.36 -15.20 12.15
C ASN D 217 19.17 -14.25 11.98
N HIS D 218 18.68 -13.72 13.09
CA HIS D 218 17.60 -12.73 13.09
C HIS D 218 18.17 -11.44 13.68
N LYS D 219 18.79 -10.64 12.81
CA LYS D 219 19.50 -9.42 13.20
C LYS D 219 18.58 -8.34 13.79
N PRO D 220 17.35 -8.17 13.29
CA PRO D 220 16.46 -7.18 13.92
C PRO D 220 16.25 -7.38 15.42
N SER D 221 16.36 -8.62 15.92
CA SER D 221 16.17 -8.89 17.34
C SER D 221 17.48 -9.23 18.04
N ASN D 222 18.62 -9.10 17.35
CA ASN D 222 19.93 -9.46 17.90
C ASN D 222 19.93 -10.90 18.41
N THR D 223 19.27 -11.79 17.67
CA THR D 223 19.14 -13.19 18.05
C THR D 223 19.73 -14.08 16.97
N LYS D 224 20.54 -15.05 17.38
CA LYS D 224 21.10 -16.04 16.49
C LYS D 224 20.92 -17.42 17.13
N VAL D 225 20.39 -18.36 16.35
CA VAL D 225 20.09 -19.70 16.85
C VAL D 225 20.76 -20.71 15.95
N ASP D 226 21.52 -21.63 16.55
CA ASP D 226 22.14 -22.74 15.82
C ASP D 226 21.51 -24.03 16.32
N LYS D 227 20.68 -24.65 15.48
CA LYS D 227 19.89 -25.82 15.86
C LYS D 227 20.49 -27.06 15.21
N ARG D 228 20.88 -28.03 16.04
CA ARG D 228 21.38 -29.30 15.54
C ARG D 228 20.21 -30.23 15.21
N VAL D 229 20.28 -30.85 14.05
CA VAL D 229 19.23 -31.73 13.55
C VAL D 229 19.67 -33.18 13.76
N GLU D 230 18.84 -33.94 14.47
CA GLU D 230 19.12 -35.32 14.85
C GLU D 230 18.07 -36.25 14.26
N PRO D 231 18.38 -37.53 14.12
CA PRO D 231 17.37 -38.50 13.68
C PRO D 231 16.22 -38.57 14.67
N LYS D 232 15.05 -38.98 14.16
CA LYS D 232 13.82 -38.92 14.93
C LYS D 232 13.91 -39.77 16.19
N SER D 233 13.15 -39.38 17.20
CA SER D 233 13.13 -40.05 18.49
C SER D 233 12.72 -41.51 18.36
N TYR E 2 5.38 14.73 -14.20
CA TYR E 2 6.06 13.97 -15.25
C TYR E 2 6.19 12.51 -14.84
N GLU E 3 5.92 11.61 -15.79
CA GLU E 3 5.97 10.18 -15.53
C GLU E 3 6.41 9.45 -16.79
N LEU E 4 7.14 8.35 -16.59
CA LEU E 4 7.58 7.49 -17.67
C LEU E 4 6.64 6.30 -17.78
N THR E 5 6.10 6.07 -18.98
CA THR E 5 5.10 5.04 -19.22
C THR E 5 5.71 3.89 -20.00
N GLN E 6 5.58 2.68 -19.47
CA GLN E 6 5.97 1.44 -20.14
C GLN E 6 4.88 0.40 -19.90
N PRO E 7 4.74 -0.57 -20.80
CA PRO E 7 3.64 -1.54 -20.65
C PRO E 7 3.84 -2.40 -19.43
N PRO E 8 2.75 -2.85 -18.78
CA PRO E 8 2.90 -3.71 -17.60
C PRO E 8 3.49 -5.08 -17.92
N SER E 9 3.29 -5.61 -19.12
CA SER E 9 3.74 -6.95 -19.43
C SER E 9 4.13 -7.05 -20.91
N VAL E 10 5.16 -7.86 -21.17
CA VAL E 10 5.58 -8.18 -22.53
C VAL E 10 5.98 -9.65 -22.55
N SER E 11 5.45 -10.39 -23.52
CA SER E 11 5.78 -11.80 -23.69
C SER E 11 6.60 -12.00 -24.96
N VAL E 12 7.40 -13.07 -24.96
CA VAL E 12 8.26 -13.37 -26.10
C VAL E 12 8.58 -14.86 -26.07
N SER E 13 8.80 -15.43 -27.24
CA SER E 13 9.26 -16.81 -27.37
C SER E 13 10.77 -16.87 -27.33
N PRO E 14 11.35 -18.02 -26.98
CA PRO E 14 12.81 -18.14 -27.00
C PRO E 14 13.38 -17.87 -28.39
N GLY E 15 14.53 -17.20 -28.41
CA GLY E 15 15.19 -16.84 -29.66
C GLY E 15 14.60 -15.66 -30.39
N GLN E 16 13.46 -15.15 -29.95
CA GLN E 16 12.79 -14.02 -30.59
C GLN E 16 13.12 -12.71 -29.88
N THR E 17 13.08 -11.63 -30.63
CA THR E 17 13.41 -10.30 -30.12
C THR E 17 12.28 -9.74 -29.26
N ALA E 18 12.63 -9.24 -28.09
CA ALA E 18 11.68 -8.59 -27.19
C ALA E 18 11.90 -7.08 -27.20
N ARG E 19 10.80 -6.33 -27.26
CA ARG E 19 10.85 -4.87 -27.33
C ARG E 19 10.06 -4.29 -26.18
N ILE E 20 10.71 -3.46 -25.37
CA ILE E 20 10.08 -2.78 -24.24
C ILE E 20 10.25 -1.29 -24.46
N THR E 21 9.14 -0.59 -24.74
CA THR E 21 9.17 0.82 -25.07
C THR E 21 8.74 1.65 -23.86
N CYS E 22 9.44 2.76 -23.63
CA CYS E 22 9.17 3.68 -22.54
C CYS E 22 8.95 5.07 -23.10
N SER E 23 7.83 5.69 -22.76
CA SER E 23 7.41 6.97 -23.33
C SER E 23 7.60 8.09 -22.32
N GLY E 24 8.30 9.14 -22.74
CA GLY E 24 8.50 10.32 -21.92
C GLY E 24 8.65 11.57 -22.76
N ASP E 25 8.08 12.68 -22.31
CA ASP E 25 8.11 13.90 -23.10
C ASP E 25 9.51 14.49 -23.21
N ALA E 26 10.33 14.32 -22.18
CA ALA E 26 11.67 14.89 -22.14
C ALA E 26 12.74 13.97 -22.72
N LEU E 27 12.34 12.80 -23.25
CA LEU E 27 13.32 11.88 -23.80
C LEU E 27 14.14 12.42 -24.98
N PRO E 28 13.62 13.27 -25.87
CA PRO E 28 14.49 13.85 -26.90
C PRO E 28 15.68 14.60 -26.32
N LYS E 29 15.53 15.20 -25.14
CA LYS E 29 16.59 15.97 -24.52
C LYS E 29 17.30 15.24 -23.39
N GLU E 30 16.70 14.16 -22.87
CA GLU E 30 17.22 13.46 -21.71
C GLU E 30 17.60 12.04 -22.06
N TYR E 31 18.66 11.56 -21.43
CA TYR E 31 19.10 10.18 -21.62
C TYR E 31 18.13 9.21 -20.95
N ALA E 32 18.06 8.00 -21.51
CA ALA E 32 17.27 6.92 -20.95
C ALA E 32 18.19 5.86 -20.36
N TYR E 33 17.82 5.35 -19.20
CA TYR E 33 18.58 4.31 -18.52
C TYR E 33 17.65 3.15 -18.19
N TRP E 34 18.15 1.93 -18.35
CA TRP E 34 17.36 0.72 -18.19
C TRP E 34 17.96 -0.15 -17.09
N TYR E 35 17.14 -0.56 -16.15
CA TYR E 35 17.54 -1.43 -15.05
C TYR E 35 16.83 -2.77 -15.18
N GLN E 36 17.58 -3.86 -15.01
CA GLN E 36 17.03 -5.20 -14.96
C GLN E 36 17.04 -5.68 -13.51
N GLN E 37 15.85 -6.03 -13.00
CA GLN E 37 15.71 -6.53 -11.65
C GLN E 37 15.04 -7.89 -11.71
N LYS E 38 15.75 -8.92 -11.25
CA LYS E 38 15.22 -10.27 -11.19
C LYS E 38 14.53 -10.52 -9.86
N SER E 39 13.97 -11.72 -9.71
CA SER E 39 13.22 -12.05 -8.50
C SER E 39 14.14 -12.10 -7.30
N GLY E 40 13.79 -11.35 -6.26
CA GLY E 40 14.59 -11.31 -5.05
C GLY E 40 15.99 -10.78 -5.23
N GLN E 41 16.19 -9.83 -6.15
CA GLN E 41 17.51 -9.27 -6.42
C GLN E 41 17.43 -7.75 -6.52
N ALA E 42 18.61 -7.14 -6.55
CA ALA E 42 18.71 -5.69 -6.69
C ALA E 42 18.68 -5.29 -8.16
N PRO E 43 18.34 -4.04 -8.45
CA PRO E 43 18.34 -3.60 -9.86
C PRO E 43 19.73 -3.65 -10.46
N VAL E 44 19.79 -4.01 -11.74
CA VAL E 44 21.04 -4.11 -12.49
C VAL E 44 20.92 -3.26 -13.74
N LEU E 45 21.81 -2.30 -13.90
CA LEU E 45 21.82 -1.47 -15.10
C LEU E 45 22.25 -2.29 -16.31
N VAL E 46 21.49 -2.20 -17.40
CA VAL E 46 21.78 -2.97 -18.60
C VAL E 46 22.01 -2.05 -19.79
N ILE E 47 21.43 -0.84 -19.73
CA ILE E 47 21.57 0.15 -20.79
C ILE E 47 21.66 1.52 -20.14
N TYR E 48 22.73 2.25 -20.44
CA TYR E 48 22.88 3.63 -19.99
C TYR E 48 23.10 4.52 -21.20
N GLU E 49 22.57 5.74 -21.13
CA GLU E 49 22.66 6.74 -22.20
C GLU E 49 22.07 6.19 -23.50
N ASP E 50 20.79 5.83 -23.43
CA ASP E 50 20.00 5.42 -24.59
C ASP E 50 20.48 4.12 -25.22
N THR E 51 21.76 4.06 -25.63
CA THR E 51 22.23 2.98 -26.48
C THR E 51 23.41 2.19 -25.93
N ARG E 52 24.12 2.71 -24.93
CA ARG E 52 25.35 2.08 -24.46
C ARG E 52 25.07 1.07 -23.36
N ARG E 53 25.70 -0.10 -23.45
CA ARG E 53 25.55 -1.09 -22.39
C ARG E 53 26.80 -1.16 -21.54
N PRO E 54 26.66 -1.37 -20.22
CA PRO E 54 27.84 -1.39 -19.35
C PRO E 54 28.76 -2.59 -19.58
N SER E 55 29.89 -2.61 -18.88
CA SER E 55 30.85 -3.70 -19.00
C SER E 55 30.31 -4.95 -18.35
N GLY E 56 30.11 -6.01 -19.13
CA GLY E 56 29.60 -7.28 -18.65
C GLY E 56 28.18 -7.58 -19.05
N ILE E 57 27.42 -6.60 -19.51
CA ILE E 57 26.04 -6.84 -19.93
C ILE E 57 26.04 -7.62 -21.24
N PRO E 58 25.19 -8.63 -21.40
CA PRO E 58 25.19 -9.40 -22.64
C PRO E 58 24.94 -8.53 -23.86
N GLU E 59 25.49 -8.99 -25.00
CA GLU E 59 25.45 -8.22 -26.23
C GLU E 59 24.06 -8.18 -26.86
N ARG E 60 23.17 -9.10 -26.48
CA ARG E 60 21.83 -9.12 -27.05
C ARG E 60 20.94 -8.03 -26.49
N PHE E 61 21.38 -7.30 -25.47
CA PHE E 61 20.65 -6.16 -24.93
C PHE E 61 21.05 -4.91 -25.70
N SER E 62 20.08 -4.30 -26.38
CA SER E 62 20.31 -3.06 -27.09
C SER E 62 19.23 -2.06 -26.73
N GLY E 63 19.60 -0.78 -26.73
CA GLY E 63 18.68 0.28 -26.42
C GLY E 63 18.69 1.34 -27.50
N SER E 64 17.66 2.18 -27.46
CA SER E 64 17.52 3.27 -28.42
C SER E 64 16.50 4.26 -27.89
N SER E 65 16.56 5.48 -28.40
CA SER E 65 15.59 6.52 -28.06
C SER E 65 15.37 7.40 -29.28
N SER E 66 14.11 7.54 -29.68
CA SER E 66 13.75 8.35 -30.84
C SER E 66 12.48 9.13 -30.50
N GLY E 67 12.59 10.45 -30.45
CA GLY E 67 11.46 11.25 -30.05
C GLY E 67 11.11 10.99 -28.60
N THR E 68 9.83 10.78 -28.34
CA THR E 68 9.33 10.52 -26.98
C THR E 68 9.26 9.04 -26.65
N MET E 69 10.10 8.21 -27.27
CA MET E 69 10.06 6.76 -27.04
C MET E 69 11.48 6.24 -26.89
N ALA E 70 11.72 5.52 -25.79
CA ALA E 70 12.96 4.80 -25.57
C ALA E 70 12.65 3.30 -25.52
N THR E 71 13.39 2.52 -26.30
CA THR E 71 13.11 1.10 -26.46
C THR E 71 14.30 0.27 -26.01
N LEU E 72 14.05 -0.66 -25.10
CA LEU E 72 15.02 -1.68 -24.72
C LEU E 72 14.72 -2.96 -25.49
N THR E 73 15.71 -3.48 -26.20
CA THR E 73 15.53 -4.59 -27.12
C THR E 73 16.34 -5.79 -26.63
N VAL E 74 15.69 -6.95 -26.58
CA VAL E 74 16.32 -8.21 -26.18
C VAL E 74 16.15 -9.16 -27.37
N SER E 75 17.13 -9.17 -28.27
CA SER E 75 17.10 -10.05 -29.43
C SER E 75 17.61 -11.44 -29.04
N GLY E 76 16.90 -12.47 -29.48
CA GLY E 76 17.23 -13.82 -29.09
C GLY E 76 17.10 -14.02 -27.59
N ALA E 77 15.88 -13.82 -27.08
CA ALA E 77 15.66 -13.79 -25.64
C ALA E 77 15.90 -15.16 -25.01
N HIS E 78 16.76 -15.19 -24.00
CA HIS E 78 16.97 -16.39 -23.20
C HIS E 78 15.96 -16.44 -22.06
N VAL E 79 15.78 -17.64 -21.51
CA VAL E 79 14.89 -17.80 -20.36
C VAL E 79 15.43 -17.03 -19.16
N ASP E 80 16.76 -16.97 -19.03
CA ASP E 80 17.38 -16.23 -17.94
C ASP E 80 17.04 -14.75 -17.97
N ASP E 81 16.62 -14.22 -19.12
CA ASP E 81 16.31 -12.80 -19.25
C ASP E 81 14.95 -12.42 -18.67
N GLU E 82 14.24 -13.35 -18.06
CA GLU E 82 12.96 -13.03 -17.42
C GLU E 82 13.20 -12.16 -16.20
N ALA E 83 12.68 -10.95 -16.22
CA ALA E 83 12.87 -10.00 -15.13
C ALA E 83 11.93 -8.81 -15.32
N ASP E 84 11.91 -7.94 -14.32
CA ASP E 84 11.23 -6.66 -14.42
C ASP E 84 12.22 -5.61 -14.94
N TYR E 85 11.82 -4.87 -15.96
CA TYR E 85 12.66 -3.88 -16.59
C TYR E 85 12.09 -2.49 -16.38
N TYR E 86 12.92 -1.58 -15.89
CA TYR E 86 12.52 -0.22 -15.58
C TYR E 86 13.30 0.76 -16.44
N CYS E 87 12.61 1.73 -17.02
CA CYS E 87 13.29 2.87 -17.61
C CYS E 87 13.52 3.94 -16.54
N TYR E 88 14.47 4.82 -16.82
CA TYR E 88 14.96 5.74 -15.80
C TYR E 88 15.52 6.97 -16.50
N SER E 89 14.95 8.14 -16.24
CA SER E 89 15.38 9.36 -16.91
C SER E 89 15.12 10.55 -16.00
N ARG E 90 15.73 11.68 -16.37
CA ARG E 90 15.63 12.89 -15.58
C ARG E 90 14.35 13.65 -15.90
N ASP E 91 13.72 14.19 -14.87
CA ASP E 91 12.56 15.06 -15.01
C ASP E 91 13.00 16.47 -14.63
N THR E 92 13.24 17.30 -15.64
CA THR E 92 13.76 18.64 -15.41
C THR E 92 12.72 19.61 -14.86
N SER E 93 11.43 19.32 -15.02
CA SER E 93 10.39 20.21 -14.51
C SER E 93 10.45 20.27 -12.98
N ALA E 94 10.34 19.13 -12.33
CA ALA E 94 10.44 19.04 -10.88
C ALA E 94 11.86 18.81 -10.39
N ASN E 95 12.84 18.78 -11.29
CA ASN E 95 14.25 18.57 -10.96
C ASN E 95 14.43 17.30 -10.12
N GLN E 96 14.19 16.17 -10.78
CA GLN E 96 14.21 14.88 -10.10
C GLN E 96 14.35 13.77 -11.14
N TRP E 97 14.76 12.61 -10.65
CA TRP E 97 14.77 11.39 -11.45
C TRP E 97 13.47 10.63 -11.25
N VAL E 98 13.08 9.86 -12.26
CA VAL E 98 11.83 9.13 -12.24
C VAL E 98 12.04 7.75 -12.86
N PHE E 99 11.54 6.72 -12.19
CA PHE E 99 11.52 5.37 -12.74
C PHE E 99 10.23 5.13 -13.51
N GLY E 100 10.32 4.30 -14.54
CA GLY E 100 9.13 3.81 -15.19
C GLY E 100 8.38 2.84 -14.29
N GLY E 101 7.15 2.54 -14.68
CA GLY E 101 6.33 1.62 -13.90
C GLY E 101 6.88 0.22 -13.84
N GLY E 102 7.77 -0.15 -14.76
CA GLY E 102 8.32 -1.49 -14.78
C GLY E 102 7.56 -2.40 -15.71
N THR E 103 8.28 -3.16 -16.53
CA THR E 103 7.68 -4.09 -17.48
C THR E 103 8.16 -5.50 -17.17
N LYS E 104 7.22 -6.41 -16.92
CA LYS E 104 7.54 -7.80 -16.66
C LYS E 104 7.73 -8.53 -17.98
N LEU E 105 8.92 -9.10 -18.19
CA LEU E 105 9.20 -9.87 -19.39
C LEU E 105 8.92 -11.34 -19.14
N THR E 106 8.01 -11.91 -19.92
CA THR E 106 7.67 -13.33 -19.83
C THR E 106 8.19 -14.05 -21.08
N VAL E 107 8.98 -15.10 -20.87
CA VAL E 107 9.50 -15.91 -21.95
C VAL E 107 8.57 -17.11 -22.11
N LEU E 108 7.87 -17.16 -23.24
CA LEU E 108 6.85 -18.16 -23.46
C LEU E 108 7.46 -19.52 -23.77
N GLY E 109 6.60 -20.54 -23.76
CA GLY E 109 7.00 -21.86 -24.22
C GLY E 109 7.92 -22.62 -23.30
N GLN E 110 7.99 -22.26 -22.02
CA GLN E 110 8.85 -23.01 -21.12
C GLN E 110 8.19 -24.32 -20.73
N PRO E 111 8.99 -25.37 -20.51
CA PRO E 111 8.42 -26.70 -20.23
C PRO E 111 7.70 -26.74 -18.88
N LYS E 112 6.54 -27.38 -18.86
CA LYS E 112 5.84 -27.63 -17.61
C LYS E 112 6.70 -28.52 -16.71
N ALA E 113 6.50 -28.38 -15.40
CA ALA E 113 7.25 -29.16 -14.43
C ALA E 113 6.35 -29.45 -13.23
N ALA E 114 6.25 -30.73 -12.88
CA ALA E 114 5.46 -31.14 -11.73
C ALA E 114 6.22 -30.85 -10.43
N PRO E 115 5.51 -30.49 -9.36
CA PRO E 115 6.19 -30.05 -8.14
C PRO E 115 6.69 -31.20 -7.29
N SER E 116 7.86 -30.99 -6.68
CA SER E 116 8.35 -31.86 -5.62
C SER E 116 7.79 -31.38 -4.29
N VAL E 117 7.33 -32.32 -3.47
CA VAL E 117 6.66 -32.01 -2.21
C VAL E 117 7.38 -32.71 -1.08
N THR E 118 7.64 -31.98 0.00
CA THR E 118 8.25 -32.52 1.21
C THR E 118 7.39 -32.12 2.40
N LEU E 119 7.00 -33.10 3.21
CA LEU E 119 6.11 -32.89 4.34
C LEU E 119 6.76 -33.38 5.62
N PHE E 120 6.85 -32.50 6.62
CA PHE E 120 7.42 -32.86 7.91
C PHE E 120 6.36 -32.86 9.00
N PRO E 121 6.38 -33.85 9.89
CA PRO E 121 5.49 -33.81 11.05
C PRO E 121 6.04 -32.88 12.11
N PRO E 122 5.25 -32.54 13.14
CA PRO E 122 5.80 -31.68 14.21
C PRO E 122 6.95 -32.37 14.92
N SER E 123 7.98 -31.58 15.21
CA SER E 123 9.09 -32.09 16.01
C SER E 123 8.61 -32.39 17.42
N SER E 124 9.26 -33.35 18.07
CA SER E 124 8.93 -33.63 19.46
C SER E 124 9.24 -32.42 20.35
N GLU E 125 10.27 -31.64 20.00
CA GLU E 125 10.58 -30.44 20.76
C GLU E 125 9.42 -29.44 20.71
N GLU E 126 8.81 -29.26 19.54
CA GLU E 126 7.68 -28.35 19.44
C GLU E 126 6.46 -28.89 20.18
N LEU E 127 6.23 -30.20 20.08
CA LEU E 127 5.12 -30.82 20.81
C LEU E 127 5.31 -30.67 22.32
N GLN E 128 6.55 -30.81 22.79
CA GLN E 128 6.84 -30.62 24.21
C GLN E 128 6.70 -29.16 24.61
N ALA E 129 6.72 -28.23 23.66
CA ALA E 129 6.36 -26.85 23.90
C ALA E 129 4.86 -26.61 23.69
N ASN E 130 4.07 -27.68 23.61
CA ASN E 130 2.62 -27.62 23.49
C ASN E 130 2.19 -26.89 22.21
N LYS E 131 2.89 -27.19 21.12
CA LYS E 131 2.54 -26.66 19.80
C LYS E 131 2.80 -27.73 18.75
N ALA E 132 2.22 -27.53 17.57
CA ALA E 132 2.35 -28.50 16.49
C ALA E 132 2.21 -27.78 15.16
N THR E 133 3.23 -27.91 14.31
CA THR E 133 3.22 -27.28 12.99
C THR E 133 3.56 -28.32 11.94
N LEU E 134 2.74 -28.41 10.90
CA LEU E 134 3.00 -29.24 9.75
C LEU E 134 3.65 -28.39 8.66
N VAL E 135 4.75 -28.90 8.09
CA VAL E 135 5.56 -28.15 7.16
C VAL E 135 5.51 -28.85 5.81
N CYS E 136 4.91 -28.18 4.82
CA CYS E 136 4.78 -28.73 3.47
C CYS E 136 5.53 -27.80 2.52
N LEU E 137 6.62 -28.31 1.94
CA LEU E 137 7.51 -27.52 1.10
C LEU E 137 7.43 -27.99 -0.35
N ILE E 138 7.22 -27.04 -1.26
CA ILE E 138 6.93 -27.33 -2.66
C ILE E 138 7.97 -26.62 -3.51
N SER E 139 8.56 -27.35 -4.48
CA SER E 139 9.65 -26.79 -5.25
C SER E 139 9.66 -27.36 -6.66
N ASP E 140 10.37 -26.65 -7.55
CA ASP E 140 10.67 -27.10 -8.91
C ASP E 140 9.42 -27.35 -9.73
N PHE E 141 8.44 -26.47 -9.62
CA PHE E 141 7.25 -26.54 -10.47
C PHE E 141 7.18 -25.32 -11.37
N TYR E 142 6.62 -25.53 -12.57
CA TYR E 142 6.41 -24.48 -13.55
C TYR E 142 5.17 -24.84 -14.36
N PRO E 143 4.27 -23.88 -14.64
CA PRO E 143 4.34 -22.45 -14.26
C PRO E 143 4.15 -22.19 -12.77
N GLY E 144 4.30 -20.93 -12.36
CA GLY E 144 4.31 -20.60 -10.95
C GLY E 144 2.95 -20.44 -10.32
N ALA E 145 2.15 -21.50 -10.35
CA ALA E 145 0.84 -21.50 -9.72
C ALA E 145 0.56 -22.88 -9.14
N VAL E 146 0.24 -22.91 -7.85
CA VAL E 146 -0.07 -24.15 -7.16
C VAL E 146 -1.33 -23.95 -6.32
N THR E 147 -1.89 -25.07 -5.89
CA THR E 147 -3.01 -25.10 -4.95
C THR E 147 -2.70 -26.13 -3.87
N VAL E 148 -2.77 -25.71 -2.62
CA VAL E 148 -2.41 -26.55 -1.48
C VAL E 148 -3.67 -26.80 -0.66
N ALA E 149 -4.05 -28.07 -0.52
CA ALA E 149 -5.15 -28.49 0.32
C ALA E 149 -4.61 -29.38 1.42
N TRP E 150 -5.18 -29.27 2.62
CA TRP E 150 -4.78 -30.05 3.78
C TRP E 150 -5.90 -31.00 4.17
N LYS E 151 -5.53 -32.20 4.63
CA LYS E 151 -6.48 -33.22 5.03
C LYS E 151 -6.14 -33.71 6.43
N ALA E 152 -7.16 -33.87 7.25
CA ALA E 152 -7.06 -34.57 8.53
C ALA E 152 -7.79 -35.91 8.34
N ASP E 153 -7.01 -36.99 8.30
CA ASP E 153 -7.50 -38.27 7.81
C ASP E 153 -8.02 -38.11 6.38
N SER E 154 -9.33 -38.03 6.22
CA SER E 154 -9.95 -37.82 4.92
C SER E 154 -10.68 -36.50 4.79
N SER E 155 -10.87 -35.75 5.88
CA SER E 155 -11.63 -34.50 5.89
C SER E 155 -10.72 -33.32 5.60
N PRO E 156 -11.19 -32.36 4.80
CA PRO E 156 -10.38 -31.17 4.52
C PRO E 156 -10.17 -30.33 5.77
N VAL E 157 -9.04 -29.63 5.81
CA VAL E 157 -8.68 -28.77 6.92
C VAL E 157 -8.63 -27.33 6.42
N LYS E 158 -9.39 -26.46 7.07
CA LYS E 158 -9.49 -25.05 6.70
C LYS E 158 -8.76 -24.13 7.66
N ALA E 159 -8.76 -24.42 8.95
CA ALA E 159 -8.15 -23.56 9.95
C ALA E 159 -6.66 -23.88 10.11
N GLY E 160 -5.90 -22.86 10.52
CA GLY E 160 -4.48 -23.01 10.77
C GLY E 160 -3.60 -23.15 9.57
N VAL E 161 -4.12 -22.90 8.36
CA VAL E 161 -3.36 -23.04 7.12
C VAL E 161 -2.80 -21.69 6.73
N GLU E 162 -1.49 -21.66 6.47
CA GLU E 162 -0.81 -20.47 5.96
C GLU E 162 0.04 -20.89 4.77
N THR E 163 -0.25 -20.32 3.61
CA THR E 163 0.41 -20.72 2.36
C THR E 163 0.97 -19.49 1.65
N THR E 164 2.22 -19.58 1.22
CA THR E 164 2.87 -18.49 0.52
C THR E 164 2.40 -18.43 -0.93
N THR E 165 2.57 -17.25 -1.53
CA THR E 165 2.49 -17.15 -2.97
C THR E 165 3.78 -17.72 -3.58
N PRO E 166 3.69 -18.32 -4.76
CA PRO E 166 4.90 -18.89 -5.37
C PRO E 166 5.93 -17.82 -5.68
N SER E 167 7.21 -18.19 -5.58
CA SER E 167 8.31 -17.32 -5.91
C SER E 167 9.30 -18.06 -6.79
N LYS E 168 9.94 -17.32 -7.70
CA LYS E 168 10.84 -17.93 -8.68
C LYS E 168 12.14 -18.35 -8.03
N GLN E 169 12.61 -19.54 -8.40
CA GLN E 169 13.86 -20.09 -7.88
C GLN E 169 15.03 -19.62 -8.73
N SER E 170 16.22 -20.14 -8.42
CA SER E 170 17.40 -19.79 -9.19
C SER E 170 17.42 -20.51 -10.54
N ASN E 171 16.74 -21.65 -10.64
CA ASN E 171 16.64 -22.41 -11.88
C ASN E 171 15.43 -22.03 -12.71
N ASN E 172 14.79 -20.89 -12.40
CA ASN E 172 13.63 -20.35 -13.10
C ASN E 172 12.37 -21.18 -12.87
N LYS E 173 12.44 -22.22 -12.04
CA LYS E 173 11.24 -22.89 -11.57
C LYS E 173 10.73 -22.15 -10.33
N TYR E 174 9.70 -22.69 -9.67
CA TYR E 174 9.05 -21.97 -8.59
C TYR E 174 9.00 -22.82 -7.32
N ALA E 175 8.87 -22.13 -6.19
CA ALA E 175 8.79 -22.75 -4.88
C ALA E 175 7.67 -22.11 -4.07
N ALA E 176 7.14 -22.87 -3.12
CA ALA E 176 6.09 -22.38 -2.23
C ALA E 176 6.11 -23.20 -0.95
N SER E 177 5.42 -22.69 0.07
CA SER E 177 5.37 -23.34 1.37
C SER E 177 3.95 -23.25 1.92
N SER E 178 3.59 -24.23 2.74
CA SER E 178 2.30 -24.23 3.41
C SER E 178 2.45 -24.82 4.81
N TYR E 179 1.94 -24.11 5.80
CA TYR E 179 2.07 -24.50 7.20
C TYR E 179 0.68 -24.74 7.79
N LEU E 180 0.53 -25.85 8.50
CA LEU E 180 -0.71 -26.19 9.18
C LEU E 180 -0.44 -26.20 10.68
N SER E 181 -1.04 -25.25 11.40
CA SER E 181 -0.88 -25.14 12.84
C SER E 181 -1.93 -26.00 13.53
N LEU E 182 -1.50 -26.80 14.51
CA LEU E 182 -2.40 -27.67 15.24
C LEU E 182 -2.03 -27.64 16.72
N THR E 183 -2.99 -28.01 17.55
CA THR E 183 -2.67 -28.31 18.93
C THR E 183 -2.14 -29.73 19.03
N PRO E 184 -1.34 -30.03 20.06
CA PRO E 184 -0.89 -31.43 20.23
C PRO E 184 -2.02 -32.44 20.33
N GLU E 185 -3.17 -32.06 20.90
CA GLU E 185 -4.28 -33.00 20.99
C GLU E 185 -4.87 -33.29 19.62
N GLN E 186 -4.93 -32.28 18.75
CA GLN E 186 -5.43 -32.49 17.39
C GLN E 186 -4.51 -33.40 16.59
N TRP E 187 -3.20 -33.18 16.70
CA TRP E 187 -2.24 -33.94 15.90
C TRP E 187 -2.29 -35.44 16.25
N LYS E 188 -2.43 -35.77 17.52
CA LYS E 188 -2.39 -37.16 17.96
C LYS E 188 -3.75 -37.85 17.94
N SER E 189 -4.83 -37.13 17.59
CA SER E 189 -6.16 -37.72 17.57
C SER E 189 -6.61 -38.15 16.19
N HIS E 190 -5.76 -38.01 15.18
CA HIS E 190 -6.04 -38.45 13.82
C HIS E 190 -5.03 -39.48 13.39
N ARG E 191 -5.47 -40.42 12.55
CA ARG E 191 -4.55 -41.45 12.05
C ARG E 191 -3.49 -40.87 11.13
N SER E 192 -3.81 -39.79 10.41
CA SER E 192 -2.84 -39.18 9.52
C SER E 192 -3.30 -37.79 9.12
N TYR E 193 -2.34 -37.01 8.62
CA TYR E 193 -2.60 -35.72 7.98
C TYR E 193 -1.94 -35.75 6.60
N SER E 194 -2.50 -34.97 5.67
CA SER E 194 -2.04 -34.99 4.29
C SER E 194 -1.94 -33.59 3.73
N CYS E 195 -0.88 -33.34 2.96
CA CYS E 195 -0.71 -32.11 2.19
C CYS E 195 -0.88 -32.44 0.72
N GLN E 196 -1.88 -31.82 0.09
CA GLN E 196 -2.22 -32.09 -1.31
C GLN E 196 -1.88 -30.86 -2.15
N VAL E 197 -0.92 -31.02 -3.05
CA VAL E 197 -0.46 -29.94 -3.93
C VAL E 197 -0.99 -30.23 -5.32
N THR E 198 -1.77 -29.30 -5.87
CA THR E 198 -2.35 -29.41 -7.19
C THR E 198 -1.62 -28.48 -8.15
N HIS E 199 -1.20 -29.01 -9.30
CA HIS E 199 -0.45 -28.23 -10.28
C HIS E 199 -0.85 -28.71 -11.67
N GLU E 200 -1.49 -27.83 -12.44
CA GLU E 200 -1.94 -28.14 -13.80
C GLU E 200 -2.84 -29.38 -13.81
N GLY E 201 -3.84 -29.38 -12.93
CA GLY E 201 -4.79 -30.48 -12.84
C GLY E 201 -4.27 -31.73 -12.18
N SER E 202 -2.96 -31.86 -11.97
CA SER E 202 -2.37 -33.03 -11.34
C SER E 202 -2.01 -32.72 -9.89
N THR E 203 -2.07 -33.76 -9.06
CA THR E 203 -1.95 -33.61 -7.61
C THR E 203 -0.86 -34.52 -7.06
N VAL E 204 -0.01 -33.97 -6.20
CA VAL E 204 0.99 -34.72 -5.45
C VAL E 204 0.61 -34.66 -3.98
N GLU E 205 0.49 -35.82 -3.35
CA GLU E 205 0.04 -35.93 -1.96
C GLU E 205 1.13 -36.54 -1.10
N LYS E 206 1.38 -35.93 0.06
CA LYS E 206 2.27 -36.48 1.07
C LYS E 206 1.51 -36.62 2.38
N THR E 207 1.80 -37.68 3.12
CA THR E 207 1.07 -38.03 4.34
C THR E 207 2.04 -38.25 5.49
N VAL E 208 1.65 -37.79 6.69
CA VAL E 208 2.40 -38.05 7.90
C VAL E 208 1.43 -38.53 8.98
N ALA E 209 1.96 -39.23 9.96
CA ALA E 209 1.17 -39.83 11.03
C ALA E 209 1.90 -39.67 12.36
N PRO E 210 1.17 -39.59 13.46
CA PRO E 210 1.82 -39.44 14.77
C PRO E 210 2.69 -40.65 15.10
N THR E 211 3.85 -40.36 15.69
CA THR E 211 4.77 -41.41 16.11
C THR E 211 4.30 -42.05 17.41
N ARG F 4 26.07 14.10 -26.56
CA ARG F 4 25.05 14.58 -27.47
C ARG F 4 23.80 15.01 -26.70
N LYS F 5 23.68 14.54 -25.47
CA LYS F 5 22.55 14.89 -24.62
C LYS F 5 23.06 15.34 -23.25
N ARG F 6 22.12 15.70 -22.39
CA ARG F 6 22.44 16.25 -21.08
C ARG F 6 22.96 15.16 -20.15
N ILE F 7 23.86 15.54 -19.25
CA ILE F 7 24.37 14.67 -18.21
C ILE F 7 24.28 15.42 -16.89
N HIS F 8 23.53 14.86 -15.94
CA HIS F 8 23.35 15.46 -14.62
C HIS F 8 24.29 14.76 -13.63
N ILE F 9 25.16 15.54 -12.99
CA ILE F 9 26.17 14.98 -12.10
C ILE F 9 25.67 14.87 -10.67
N GLY F 10 24.97 15.90 -10.19
CA GLY F 10 24.44 15.90 -8.85
C GLY F 10 23.44 17.02 -8.67
N PRO F 11 23.00 17.24 -7.43
CA PRO F 11 22.14 18.40 -7.14
C PRO F 11 22.79 19.71 -7.56
N GLY F 12 22.32 20.29 -8.65
CA GLY F 12 22.84 21.57 -9.13
C GLY F 12 24.07 21.48 -10.01
N ARG F 13 24.55 20.28 -10.32
CA ARG F 13 25.74 20.10 -11.14
C ARG F 13 25.36 19.30 -12.38
N ALA F 14 25.54 19.90 -13.56
CA ALA F 14 25.17 19.27 -14.81
C ALA F 14 26.24 19.58 -15.87
N PHE F 15 26.06 19.00 -17.04
CA PHE F 15 26.97 19.21 -18.17
C PHE F 15 26.14 19.37 -19.43
N TYR F 16 26.32 20.49 -20.12
CA TYR F 16 25.52 20.80 -21.30
C TYR F 16 26.34 20.75 -22.58
C1 GOL G . -37.26 2.04 23.38
O1 GOL G . -37.89 2.08 22.15
C2 GOL G . -38.02 3.03 24.30
O2 GOL G . -38.93 2.38 25.12
C3 GOL G . -36.91 3.73 25.09
O3 GOL G . -36.01 4.21 24.13
C1 GOL H . -31.69 -3.90 1.98
O1 GOL H . -31.73 -4.37 0.68
C2 GOL H . -30.73 -4.84 2.76
O2 GOL H . -30.61 -4.45 4.09
C3 GOL H . -31.34 -6.25 2.62
O3 GOL H . -30.65 -7.06 3.49
C1 GOL I . -30.55 2.19 32.92
O1 GOL I . -30.84 1.01 33.60
C2 GOL I . -30.75 3.34 33.93
O2 GOL I . -30.11 3.09 35.13
C3 GOL I . -30.18 4.59 33.23
O3 GOL I . -28.83 4.36 33.06
C1 GOL J . -2.11 -20.64 24.76
O1 GOL J . -3.43 -20.28 24.96
C2 GOL J . -1.40 -19.40 24.14
O2 GOL J . -1.12 -18.44 25.10
C3 GOL J . -0.12 -19.97 23.48
O3 GOL J . 0.43 -18.93 22.73
C1 GOL K . -6.37 -7.71 35.39
O1 GOL K . -7.49 -6.88 35.41
C2 GOL K . -5.38 -7.10 34.38
O2 GOL K . -5.17 -5.76 34.61
C3 GOL K . -4.08 -7.93 34.56
O3 GOL K . -3.04 -7.18 34.01
C1 GOL L . -0.76 -14.16 36.86
O1 GOL L . -1.62 -13.07 36.77
C2 GOL L . 0.17 -14.10 35.62
O2 GOL L . 1.34 -14.81 35.83
C3 GOL L . -0.67 -14.69 34.47
O3 GOL L . -0.31 -14.00 33.32
C1 GOL M . 11.86 -42.90 6.64
O1 GOL M . 13.21 -42.91 6.26
C2 GOL M . 11.83 -42.53 8.14
O2 GOL M . 12.45 -43.48 8.92
C3 GOL M . 10.33 -42.38 8.47
O3 GOL M . 10.25 -41.52 9.56
C1 GOL N . 11.65 -29.76 -0.92
O1 GOL N . 10.63 -29.92 -1.84
C2 GOL N . 12.95 -30.14 -1.65
O2 GOL N . 14.07 -29.62 -1.02
C3 GOL N . 12.97 -31.69 -1.65
O3 GOL N . 14.05 -32.07 -0.88
C1 GOL O . 11.40 -14.12 -3.62
O1 GOL O . 10.73 -13.61 -2.51
C2 GOL O . 12.90 -14.15 -3.27
O2 GOL O . 13.11 -14.11 -1.90
C3 GOL O . 13.44 -15.44 -3.91
O3 GOL O . 13.15 -15.36 -5.27
C1 GOL P . 17.61 -20.67 -2.45
O1 GOL P . 18.38 -21.52 -1.63
C2 GOL P . 17.93 -21.08 -3.91
O2 GOL P . 16.92 -20.65 -4.78
C3 GOL P . 18.07 -22.62 -3.88
O3 GOL P . 19.42 -22.90 -4.11
C1 GOL Q . 7.01 -4.14 -11.42
O1 GOL Q . 6.24 -4.17 -12.58
C2 GOL Q . 6.10 -3.62 -10.29
O2 GOL Q . 5.41 -2.48 -10.65
C3 GOL Q . 5.16 -4.80 -9.96
O3 GOL Q . 5.98 -5.86 -9.58
C1 GOL R . -10.01 -31.15 14.98
O1 GOL R . -9.56 -32.19 15.79
C2 GOL R . -9.70 -31.55 13.52
O2 GOL R . -10.81 -32.06 12.86
C3 GOL R . -9.17 -30.26 12.86
O3 GOL R . -7.78 -30.36 12.88
#